data_5JBX
#
_entry.id   5JBX
#
_cell.length_a   74.834
_cell.length_b   84.773
_cell.length_c   128.634
_cell.angle_alpha   90.000
_cell.angle_beta   90.000
_cell.angle_gamma   90.000
#
_symmetry.space_group_name_H-M   'P 21 21 21'
#
loop_
_entity.id
_entity.type
_entity.pdbx_description
1 polymer '3-hydroxybutyryl-CoA dehydratase'
2 non-polymer 'COENZYME A'
3 non-polymer 'MALONATE ION'
4 water water
#
_entity_poly.entity_id   1
_entity_poly.type   'polypeptide(L)'
_entity_poly.pdbx_seq_one_letter_code
;GPHMPEFKVDARGPIEIWTIDGESRRNAISRAMLKELGELVTRVSSSRDVRAVVITGAGDKAFCAGADLKERATMAEDEV
RAFLDGLRRTFRAIEKSDCVFIAAINGAALGGGTELALACDLRVAAPAAELGLTEVKLGIIPGGGGTQRLARLVGPGRAK
DLILTARRINAAEAFSVGLANRLAPEGHLLAVAYGLAESVVENAPIAVATAKHAIDEGTGLELDDALALELRKYEEILKT
EDRLEGLRAFAEKRAPVYKGR
;
_entity_poly.pdbx_strand_id   A,B,C
#
loop_
_chem_comp.id
_chem_comp.type
_chem_comp.name
_chem_comp.formula
COA non-polymer 'COENZYME A' 'C21 H36 N7 O16 P3 S'
MLI non-polymer 'MALONATE ION' 'C3 H2 O4 -2'
#
# COMPACT_ATOMS: atom_id res chain seq x y z
N MET A 4 -17.64 8.94 37.80
CA MET A 4 -16.21 8.58 37.68
C MET A 4 -15.66 8.92 36.29
N PRO A 5 -14.35 9.14 36.21
CA PRO A 5 -13.75 9.50 34.91
C PRO A 5 -13.97 8.41 33.87
N GLU A 6 -13.98 8.83 32.60
CA GLU A 6 -14.16 7.88 31.51
C GLU A 6 -12.92 7.06 31.25
N PHE A 7 -11.75 7.55 31.65
CA PHE A 7 -10.48 6.85 31.52
C PHE A 7 -9.80 6.75 32.88
N LYS A 8 -9.08 5.65 33.06
CA LYS A 8 -8.06 5.57 34.09
C LYS A 8 -6.73 5.93 33.45
N VAL A 9 -5.92 6.69 34.16
CA VAL A 9 -4.63 7.14 33.66
C VAL A 9 -3.54 6.68 34.60
N ASP A 10 -2.58 5.95 34.07
CA ASP A 10 -1.42 5.45 34.79
C ASP A 10 -0.23 6.18 34.19
N ALA A 11 0.15 7.28 34.85
CA ALA A 11 1.23 8.13 34.33
C ALA A 11 2.57 7.63 34.84
N ARG A 12 3.54 7.58 33.95
CA ARG A 12 4.88 7.12 34.26
C ARG A 12 5.93 8.10 33.74
N GLY A 13 5.60 9.38 33.68
CA GLY A 13 6.51 10.40 33.22
C GLY A 13 6.44 10.51 31.71
N PRO A 14 7.50 10.13 31.00
CA PRO A 14 7.47 10.24 29.53
CA PRO A 14 7.46 10.24 29.53
C PRO A 14 6.52 9.27 28.85
N ILE A 15 5.99 8.29 29.56
CA ILE A 15 5.04 7.33 29.02
C ILE A 15 3.84 7.32 29.95
N GLU A 16 2.63 7.21 29.38
CA GLU A 16 1.41 7.00 30.14
C GLU A 16 0.62 5.87 29.52
N ILE A 17 -0.21 5.23 30.35
CA ILE A 17 -1.16 4.21 29.90
C ILE A 17 -2.55 4.72 30.25
N TRP A 18 -3.42 4.82 29.25
CA TRP A 18 -4.79 5.25 29.41
C TRP A 18 -5.72 4.07 29.17
N THR A 19 -6.63 3.83 30.09
CA THR A 19 -7.53 2.69 30.01
C THR A 19 -8.96 3.21 29.92
N ILE A 20 -9.65 2.88 28.83
CA ILE A 20 -11.07 3.21 28.71
C ILE A 20 -11.81 2.45 29.80
N ASP A 21 -12.50 3.18 30.67
CA ASP A 21 -13.13 2.59 31.85
C ASP A 21 -14.64 2.53 31.66
N GLY A 22 -15.06 1.70 30.70
CA GLY A 22 -16.45 1.66 30.29
C GLY A 22 -16.96 0.27 30.03
N GLU A 23 -16.58 -0.68 30.88
CA GLU A 23 -16.89 -2.08 30.61
C GLU A 23 -18.38 -2.35 30.41
N SER A 24 -19.26 -1.64 31.12
CA SER A 24 -20.68 -1.96 31.03
C SER A 24 -21.28 -1.66 29.66
N ARG A 25 -20.61 -0.83 28.86
CA ARG A 25 -21.00 -0.59 27.47
C ARG A 25 -19.90 -1.02 26.52
N ARG A 26 -19.05 -1.94 26.98
CA ARG A 26 -17.98 -2.50 26.17
C ARG A 26 -17.08 -1.40 25.62
N ASN A 27 -16.82 -0.40 26.47
CA ASN A 27 -15.81 0.62 26.23
C ASN A 27 -16.14 1.46 25.01
N ALA A 28 -17.43 1.68 24.78
CA ALA A 28 -17.90 2.43 23.63
C ALA A 28 -17.50 3.90 23.71
N ILE A 29 -17.48 4.52 22.53
CA ILE A 29 -17.19 5.95 22.40
C ILE A 29 -18.51 6.69 22.60
N SER A 30 -18.83 6.96 23.87
CA SER A 30 -19.87 7.92 24.21
C SER A 30 -19.34 9.33 24.00
N ARG A 31 -20.25 10.30 23.98
CA ARG A 31 -19.79 11.69 23.88
C ARG A 31 -18.88 12.05 25.04
N ALA A 32 -19.19 11.55 26.25
CA ALA A 32 -18.34 11.86 27.40
C ALA A 32 -16.96 11.23 27.27
N MET A 33 -16.91 9.98 26.81
CA MET A 33 -15.62 9.33 26.58
C MET A 33 -14.80 10.10 25.56
N LEU A 34 -15.44 10.49 24.44
CA LEU A 34 -14.73 11.21 23.40
C LEU A 34 -14.20 12.55 23.92
N LYS A 35 -15.00 13.27 24.69
CA LYS A 35 -14.57 14.55 25.23
C LYS A 35 -13.34 14.38 26.12
N GLU A 36 -13.36 13.39 27.01
CA GLU A 36 -12.21 13.17 27.88
C GLU A 36 -10.98 12.74 27.09
N LEU A 37 -11.18 11.89 26.08
CA LEU A 37 -10.05 11.51 25.23
C LEU A 37 -9.40 12.74 24.61
N GLY A 38 -10.21 13.66 24.13
CA GLY A 38 -9.67 14.89 23.58
C GLY A 38 -8.89 15.70 24.60
N GLU A 39 -9.39 15.76 25.84
CA GLU A 39 -8.69 16.48 26.90
CA GLU A 39 -8.69 16.50 26.87
C GLU A 39 -7.34 15.86 27.19
N LEU A 40 -7.29 14.53 27.23
CA LEU A 40 -6.04 13.81 27.46
C LEU A 40 -5.05 14.06 26.33
N VAL A 41 -5.52 13.98 25.09
CA VAL A 41 -4.64 14.22 23.94
C VAL A 41 -4.12 15.66 23.97
N THR A 42 -4.98 16.62 24.29
CA THR A 42 -4.56 18.01 24.39
C THR A 42 -3.44 18.15 25.42
N ARG A 43 -3.61 17.54 26.60
CA ARG A 43 -2.59 17.68 27.63
C ARG A 43 -1.25 17.15 27.16
N VAL A 44 -1.20 15.92 26.65
CA VAL A 44 0.10 15.36 26.30
C VAL A 44 0.69 16.04 25.09
N SER A 45 -0.13 16.68 24.26
CA SER A 45 0.36 17.39 23.09
C SER A 45 0.84 18.79 23.39
N SER A 46 0.67 19.27 24.63
CA SER A 46 0.96 20.65 24.98
C SER A 46 2.42 20.88 25.34
N SER A 47 3.21 19.82 25.48
CA SER A 47 4.64 19.92 25.70
C SER A 47 5.25 18.64 25.14
N ARG A 48 6.59 18.55 25.18
CA ARG A 48 7.27 17.33 24.77
C ARG A 48 7.58 16.39 25.94
N ASP A 49 6.97 16.62 27.10
CA ASP A 49 7.34 15.82 28.27
C ASP A 49 6.77 14.41 28.24
N VAL A 50 5.55 14.24 27.73
CA VAL A 50 4.95 12.92 27.55
C VAL A 50 5.14 12.56 26.09
N ARG A 51 5.93 11.51 25.86
CA ARG A 51 6.37 11.16 24.52
C ARG A 51 5.67 9.93 23.95
N ALA A 52 5.07 9.10 24.76
CA ALA A 52 4.34 7.95 24.27
C ALA A 52 3.18 7.65 25.19
N VAL A 53 2.06 7.26 24.60
CA VAL A 53 0.86 6.89 25.32
C VAL A 53 0.37 5.56 24.77
N VAL A 54 0.02 4.65 25.66
CA VAL A 54 -0.65 3.41 25.33
C VAL A 54 -2.12 3.58 25.69
N ILE A 55 -3.01 3.29 24.75
CA ILE A 55 -4.45 3.30 25.00
C ILE A 55 -4.94 1.87 24.96
N THR A 56 -5.71 1.47 25.97
CA THR A 56 -6.29 0.14 26.05
C THR A 56 -7.68 0.25 26.63
N GLY A 57 -8.44 -0.85 26.56
CA GLY A 57 -9.74 -0.92 27.19
C GLY A 57 -9.69 -1.72 28.48
N ALA A 58 -10.56 -1.35 29.42
CA ALA A 58 -10.67 -2.14 30.63
C ALA A 58 -11.25 -3.51 30.32
N GLY A 59 -10.78 -4.52 31.03
CA GLY A 59 -11.31 -5.87 30.89
C GLY A 59 -10.71 -6.64 29.74
N ASP A 60 -11.29 -7.82 29.47
CA ASP A 60 -10.81 -8.76 28.47
CA ASP A 60 -10.78 -8.70 28.43
C ASP A 60 -11.81 -9.00 27.36
N LYS A 61 -12.90 -8.24 27.31
CA LYS A 61 -13.93 -8.46 26.29
C LYS A 61 -13.84 -7.46 25.15
N ALA A 62 -13.53 -6.20 25.44
CA ALA A 62 -13.55 -5.16 24.42
C ALA A 62 -12.41 -4.19 24.62
N PHE A 63 -11.70 -3.91 23.54
CA PHE A 63 -10.91 -2.71 23.47
C PHE A 63 -11.82 -1.49 23.39
N CYS A 64 -12.75 -1.51 22.42
CA CYS A 64 -13.71 -0.44 22.22
C CYS A 64 -14.73 -0.94 21.22
N ALA A 65 -16.00 -1.00 21.62
CA ALA A 65 -17.07 -1.53 20.80
C ALA A 65 -17.65 -0.53 19.81
N GLY A 66 -16.99 0.61 19.60
CA GLY A 66 -17.42 1.60 18.64
C GLY A 66 -18.23 2.70 19.28
N ALA A 67 -18.82 3.53 18.44
CA ALA A 67 -19.66 4.60 18.95
C ALA A 67 -20.73 4.01 19.84
N ASP A 68 -21.16 4.79 20.83
CA ASP A 68 -22.20 4.36 21.74
C ASP A 68 -23.54 4.38 21.01
N LEU A 69 -24.08 3.20 20.73
CA LEU A 69 -25.28 3.06 19.93
C LEU A 69 -26.54 3.37 20.71
N LYS A 70 -26.48 3.27 22.04
CA LYS A 70 -27.61 3.70 22.84
C LYS A 70 -27.73 5.22 22.80
N GLU A 71 -26.61 5.93 22.98
CA GLU A 71 -26.62 7.37 22.79
CA GLU A 71 -26.62 7.37 22.80
C GLU A 71 -27.02 7.75 21.37
N ARG A 72 -26.50 7.01 20.37
CA ARG A 72 -26.78 7.38 18.99
C ARG A 72 -28.27 7.34 18.69
N ALA A 73 -29.01 6.43 19.31
CA ALA A 73 -30.43 6.34 19.05
C ALA A 73 -31.16 7.64 19.39
N THR A 74 -30.60 8.45 20.30
CA THR A 74 -31.22 9.70 20.76
C THR A 74 -30.81 10.91 19.93
N MET A 75 -29.91 10.75 18.98
CA MET A 75 -29.26 11.89 18.35
C MET A 75 -29.94 12.27 17.03
N ALA A 76 -30.27 13.55 16.91
CA ALA A 76 -30.74 14.09 15.64
C ALA A 76 -29.57 14.17 14.64
N GLU A 77 -29.91 14.41 13.38
CA GLU A 77 -28.89 14.37 12.33
C GLU A 77 -27.77 15.38 12.60
N ASP A 78 -28.10 16.58 13.06
CA ASP A 78 -27.04 17.55 13.32
C ASP A 78 -26.15 17.11 14.48
N GLU A 79 -26.72 16.38 15.45
CA GLU A 79 -25.90 15.84 16.53
C GLU A 79 -24.96 14.75 16.03
N VAL A 80 -25.42 13.94 15.08
CA VAL A 80 -24.55 12.93 14.48
C VAL A 80 -23.38 13.62 13.78
N ARG A 81 -23.68 14.65 12.99
CA ARG A 81 -22.61 15.39 12.31
C ARG A 81 -21.63 15.97 13.32
N ALA A 82 -22.13 16.54 14.42
CA ALA A 82 -21.24 17.13 15.42
C ALA A 82 -20.37 16.06 16.08
N PHE A 83 -20.94 14.88 16.36
CA PHE A 83 -20.15 13.79 16.91
C PHE A 83 -19.05 13.37 15.93
N LEU A 84 -19.40 13.21 14.65
CA LEU A 84 -18.41 12.82 13.68
C LEU A 84 -17.33 13.88 13.52
N ASP A 85 -17.70 15.16 13.61
CA ASP A 85 -16.70 16.23 13.56
CA ASP A 85 -16.69 16.21 13.55
C ASP A 85 -15.74 16.11 14.74
N GLY A 86 -16.27 15.83 15.92
CA GLY A 86 -15.41 15.74 17.10
C GLY A 86 -14.54 14.51 17.06
N LEU A 87 -15.09 13.42 16.55
CA LEU A 87 -14.29 12.22 16.35
C LEU A 87 -13.15 12.50 15.38
N ARG A 88 -13.45 13.17 14.26
CA ARG A 88 -12.42 13.50 13.28
C ARG A 88 -11.34 14.35 13.91
N ARG A 89 -11.75 15.38 14.65
CA ARG A 89 -10.80 16.27 15.27
CA ARG A 89 -10.80 16.28 15.29
C ARG A 89 -9.91 15.54 16.27
N THR A 90 -10.49 14.63 17.05
CA THR A 90 -9.70 13.96 18.08
C THR A 90 -8.73 12.98 17.47
N PHE A 91 -9.17 12.23 16.45
CA PHE A 91 -8.25 11.33 15.78
C PHE A 91 -7.17 12.10 15.05
N ARG A 92 -7.51 13.23 14.43
CA ARG A 92 -6.47 14.03 13.82
C ARG A 92 -5.53 14.63 14.85
N ALA A 93 -6.02 14.92 16.06
CA ALA A 93 -5.15 15.44 17.10
C ALA A 93 -4.13 14.40 17.55
N ILE A 94 -4.54 13.13 17.59
CA ILE A 94 -3.61 12.05 17.85
C ILE A 94 -2.50 12.02 16.80
N GLU A 95 -2.87 12.19 15.53
CA GLU A 95 -1.87 12.22 14.47
C GLU A 95 -0.98 13.47 14.55
N LYS A 96 -1.56 14.62 14.85
CA LYS A 96 -0.76 15.85 14.86
C LYS A 96 0.14 15.94 16.09
N SER A 97 -0.20 15.22 17.14
CA SER A 97 0.58 15.23 18.37
C SER A 97 2.00 14.76 18.13
N ASP A 98 2.93 15.40 18.83
CA ASP A 98 4.29 14.89 18.89
C ASP A 98 4.38 13.59 19.64
N CYS A 99 3.41 13.31 20.52
CA CYS A 99 3.38 12.07 21.29
CA CYS A 99 3.40 12.07 21.27
C CYS A 99 3.04 10.91 20.36
N VAL A 100 3.69 9.77 20.59
CA VAL A 100 3.44 8.55 19.84
C VAL A 100 2.38 7.74 20.58
N PHE A 101 1.35 7.33 19.86
CA PHE A 101 0.22 6.61 20.44
C PHE A 101 0.22 5.15 20.00
N ILE A 102 0.07 4.27 20.97
CA ILE A 102 0.07 2.83 20.76
C ILE A 102 -1.26 2.30 21.25
N ALA A 103 -2.02 1.64 20.38
CA ALA A 103 -3.25 1.00 20.79
C ALA A 103 -2.94 -0.43 21.22
N ALA A 104 -3.31 -0.76 22.45
CA ALA A 104 -3.13 -2.10 23.02
C ALA A 104 -4.50 -2.77 23.02
N ILE A 105 -4.69 -3.63 22.03
CA ILE A 105 -6.02 -4.15 21.73
CA ILE A 105 -6.01 -4.18 21.70
C ILE A 105 -6.23 -5.41 22.57
N ASN A 106 -7.01 -5.25 23.62
CA ASN A 106 -7.22 -6.26 24.65
C ASN A 106 -8.43 -7.13 24.40
N GLY A 107 -9.23 -6.82 23.38
CA GLY A 107 -10.45 -7.54 23.11
C GLY A 107 -11.02 -6.99 21.82
N ALA A 108 -12.31 -7.10 21.62
CA ALA A 108 -12.91 -6.66 20.36
C ALA A 108 -12.73 -5.16 20.15
N ALA A 109 -12.32 -4.78 18.95
CA ALA A 109 -12.22 -3.40 18.52
C ALA A 109 -13.11 -3.29 17.29
N LEU A 110 -14.30 -2.70 17.42
CA LEU A 110 -15.30 -2.76 16.37
C LEU A 110 -15.72 -1.36 15.94
N GLY A 111 -15.77 -1.15 14.64
CA GLY A 111 -16.26 0.12 14.10
C GLY A 111 -15.37 1.25 14.55
N GLY A 112 -15.97 2.21 15.26
CA GLY A 112 -15.20 3.29 15.84
C GLY A 112 -14.03 2.81 16.69
N GLY A 113 -14.13 1.62 17.29
CA GLY A 113 -13.01 1.09 18.05
C GLY A 113 -11.82 0.71 17.18
N THR A 114 -12.06 0.10 16.02
CA THR A 114 -10.99 -0.08 15.07
C THR A 114 -10.50 1.26 14.56
N GLU A 115 -11.40 2.23 14.34
CA GLU A 115 -10.97 3.53 13.86
C GLU A 115 -10.05 4.22 14.86
N LEU A 116 -10.33 4.10 16.15
CA LEU A 116 -9.43 4.62 17.18
C LEU A 116 -8.07 3.94 17.06
N ALA A 117 -8.06 2.63 16.93
CA ALA A 117 -6.80 1.91 16.77
C ALA A 117 -6.04 2.39 15.55
N LEU A 118 -6.74 2.63 14.43
CA LEU A 118 -6.11 3.08 13.19
C LEU A 118 -5.56 4.49 13.31
N ALA A 119 -6.16 5.31 14.17
CA ALA A 119 -5.67 6.68 14.37
C ALA A 119 -4.36 6.68 15.14
N CYS A 120 -4.10 5.65 15.94
CA CYS A 120 -2.84 5.52 16.66
C CYS A 120 -1.72 5.22 15.69
N ASP A 121 -0.49 5.44 16.17
CA ASP A 121 0.70 5.22 15.37
C ASP A 121 1.04 3.74 15.21
N LEU A 122 0.86 2.95 16.27
CA LEU A 122 1.24 1.55 16.29
C LEU A 122 0.17 0.80 17.07
N ARG A 123 0.08 -0.51 16.81
CA ARG A 123 -0.94 -1.36 17.40
C ARG A 123 -0.33 -2.66 17.90
N VAL A 124 -0.77 -3.08 19.08
CA VAL A 124 -0.38 -4.34 19.71
C VAL A 124 -1.66 -5.10 19.98
N ALA A 125 -1.71 -6.38 19.67
CA ALA A 125 -2.92 -7.18 19.89
C ALA A 125 -2.66 -8.36 20.80
N ALA A 126 -3.61 -8.62 21.68
CA ALA A 126 -3.64 -9.84 22.46
C ALA A 126 -4.11 -11.00 21.59
N PRO A 127 -3.80 -12.24 21.98
CA PRO A 127 -3.96 -13.37 21.05
C PRO A 127 -5.38 -13.63 20.63
N ALA A 128 -6.36 -13.28 21.47
CA ALA A 128 -7.77 -13.49 21.18
C ALA A 128 -8.48 -12.21 20.77
N ALA A 129 -7.75 -11.11 20.59
CA ALA A 129 -8.35 -9.85 20.14
C ALA A 129 -8.83 -9.97 18.71
N GLU A 130 -9.85 -9.19 18.38
CA GLU A 130 -10.38 -9.15 17.03
C GLU A 130 -10.69 -7.72 16.66
N LEU A 131 -10.52 -7.40 15.39
CA LEU A 131 -10.84 -6.09 14.86
C LEU A 131 -11.88 -6.26 13.76
N GLY A 132 -12.55 -5.17 13.43
CA GLY A 132 -13.50 -5.17 12.34
C GLY A 132 -14.11 -3.81 12.18
N LEU A 133 -14.41 -3.45 10.92
CA LEU A 133 -15.21 -2.26 10.62
C LEU A 133 -16.58 -2.78 10.23
N THR A 134 -17.47 -2.87 11.22
CA THR A 134 -18.77 -3.52 11.09
C THR A 134 -19.88 -2.56 10.65
N GLU A 135 -19.52 -1.34 10.27
CA GLU A 135 -20.50 -0.29 10.00
C GLU A 135 -21.58 -0.70 9.00
N VAL A 136 -21.22 -1.37 7.89
CA VAL A 136 -22.25 -1.68 6.90
C VAL A 136 -23.30 -2.65 7.44
N LYS A 137 -22.95 -3.46 8.44
CA LYS A 137 -23.90 -4.34 9.08
C LYS A 137 -24.88 -3.59 9.97
N LEU A 138 -24.56 -2.33 10.26
CA LEU A 138 -25.43 -1.44 11.02
CA LEU A 138 -25.40 -1.41 11.03
C LEU A 138 -26.12 -0.41 10.13
N GLY A 139 -25.97 -0.50 8.81
CA GLY A 139 -26.63 0.42 7.93
C GLY A 139 -25.89 1.71 7.68
N ILE A 140 -24.64 1.82 8.13
CA ILE A 140 -23.84 3.03 7.96
C ILE A 140 -22.52 2.68 7.30
N ILE A 141 -21.63 3.66 7.18
CA ILE A 141 -20.27 3.42 6.69
C ILE A 141 -19.32 3.87 7.79
N PRO A 142 -18.06 3.46 7.73
CA PRO A 142 -17.07 4.05 8.63
C PRO A 142 -17.04 5.57 8.40
N GLY A 143 -17.23 6.30 9.48
CA GLY A 143 -17.27 7.75 9.48
C GLY A 143 -16.27 8.39 10.41
N GLY A 144 -15.32 7.59 10.89
CA GLY A 144 -14.22 8.03 11.72
C GLY A 144 -12.88 7.73 11.07
N GLY A 145 -12.86 7.77 9.74
CA GLY A 145 -11.64 7.59 8.98
C GLY A 145 -11.37 6.18 8.50
N GLY A 146 -12.19 5.20 8.86
CA GLY A 146 -11.88 3.83 8.52
C GLY A 146 -11.79 3.57 7.03
N THR A 147 -12.61 4.25 6.22
CA THR A 147 -12.55 4.02 4.77
C THR A 147 -11.26 4.55 4.16
N GLN A 148 -10.53 5.38 4.90
CA GLN A 148 -9.31 5.99 4.41
C GLN A 148 -8.08 5.38 5.06
N ARG A 149 -8.08 5.28 6.40
CA ARG A 149 -6.90 4.79 7.10
C ARG A 149 -6.69 3.29 6.89
N LEU A 150 -7.75 2.49 6.81
CA LEU A 150 -7.53 1.06 6.66
C LEU A 150 -6.87 0.75 5.32
N ALA A 151 -7.38 1.36 4.24
CA ALA A 151 -6.84 1.11 2.91
C ALA A 151 -5.38 1.53 2.84
N ARG A 152 -5.06 2.66 3.45
CA ARG A 152 -3.68 3.14 3.45
CA ARG A 152 -3.67 3.09 3.40
C ARG A 152 -2.78 2.15 4.20
N LEU A 153 -3.35 1.41 5.16
CA LEU A 153 -2.58 0.47 5.96
C LEU A 153 -2.43 -0.92 5.35
N VAL A 154 -3.52 -1.54 4.88
CA VAL A 154 -3.53 -2.94 4.43
C VAL A 154 -3.81 -3.07 2.94
N GLY A 155 -3.93 -1.96 2.23
CA GLY A 155 -4.22 -1.99 0.82
C GLY A 155 -5.73 -1.89 0.56
N PRO A 156 -6.09 -1.43 -0.63
CA PRO A 156 -7.52 -1.17 -0.89
C PRO A 156 -8.34 -2.43 -1.05
N GLY A 157 -7.76 -3.51 -1.56
CA GLY A 157 -8.50 -4.75 -1.69
C GLY A 157 -8.85 -5.35 -0.35
N ARG A 158 -7.87 -5.43 0.54
CA ARG A 158 -8.13 -5.92 1.89
CA ARG A 158 -8.16 -5.94 1.87
C ARG A 158 -9.09 -5.00 2.62
N ALA A 159 -8.97 -3.69 2.41
CA ALA A 159 -9.92 -2.78 3.04
C ALA A 159 -11.33 -3.02 2.53
N LYS A 160 -11.49 -3.23 1.22
CA LYS A 160 -12.81 -3.52 0.69
CA LYS A 160 -12.79 -3.54 0.65
C LYS A 160 -13.37 -4.81 1.27
N ASP A 161 -12.54 -5.84 1.41
CA ASP A 161 -13.00 -7.07 2.04
C ASP A 161 -13.55 -6.77 3.43
N LEU A 162 -12.72 -6.19 4.29
CA LEU A 162 -13.13 -5.96 5.67
C LEU A 162 -14.36 -5.05 5.75
N ILE A 163 -14.37 -3.96 4.99
CA ILE A 163 -15.45 -2.98 5.13
C ILE A 163 -16.75 -3.45 4.49
N LEU A 164 -16.67 -4.15 3.35
CA LEU A 164 -17.89 -4.56 2.68
C LEU A 164 -18.49 -5.83 3.27
N THR A 165 -17.65 -6.73 3.83
CA THR A 165 -18.18 -7.91 4.51
C THR A 165 -18.52 -7.64 5.96
N ALA A 166 -17.90 -6.64 6.57
CA ALA A 166 -18.03 -6.38 8.00
C ALA A 166 -17.53 -7.54 8.85
N ARG A 167 -16.62 -8.37 8.32
CA ARG A 167 -16.13 -9.52 9.06
C ARG A 167 -15.12 -9.10 10.12
N ARG A 168 -14.90 -10.02 11.07
CA ARG A 168 -13.84 -9.88 12.06
C ARG A 168 -12.51 -10.36 11.49
N ILE A 169 -11.43 -9.75 11.94
CA ILE A 169 -10.08 -10.19 11.64
C ILE A 169 -9.42 -10.54 12.98
N ASN A 170 -8.85 -11.75 13.06
CA ASN A 170 -8.23 -12.24 14.29
C ASN A 170 -6.79 -11.76 14.39
N ALA A 171 -6.15 -12.13 15.50
CA ALA A 171 -4.83 -11.61 15.80
C ALA A 171 -3.78 -12.10 14.81
N ALA A 172 -3.83 -13.38 14.45
CA ALA A 172 -2.84 -13.90 13.50
C ALA A 172 -2.97 -13.17 12.16
N GLU A 173 -4.20 -13.00 11.68
CA GLU A 173 -4.37 -12.30 10.42
C GLU A 173 -3.94 -10.85 10.54
N ALA A 174 -4.32 -10.19 11.64
CA ALA A 174 -3.95 -8.80 11.83
C ALA A 174 -2.44 -8.62 11.85
N PHE A 175 -1.72 -9.52 12.52
CA PHE A 175 -0.26 -9.43 12.56
C PHE A 175 0.35 -9.71 11.19
N SER A 176 -0.19 -10.70 10.48
CA SER A 176 0.39 -11.08 9.19
CA SER A 176 0.40 -11.08 9.20
C SER A 176 0.33 -9.93 8.19
N VAL A 177 -0.75 -9.15 8.21
CA VAL A 177 -0.92 -8.07 7.24
C VAL A 177 -0.42 -6.74 7.77
N GLY A 178 0.07 -6.68 9.00
CA GLY A 178 0.62 -5.46 9.53
C GLY A 178 -0.37 -4.53 10.18
N LEU A 179 -1.64 -4.95 10.34
CA LEU A 179 -2.60 -4.17 11.11
C LEU A 179 -2.20 -4.10 12.58
N ALA A 180 -1.75 -5.22 13.13
CA ALA A 180 -1.08 -5.26 14.42
C ALA A 180 0.41 -5.34 14.18
N ASN A 181 1.15 -4.43 14.81
CA ASN A 181 2.61 -4.43 14.71
C ASN A 181 3.28 -5.42 15.65
N ARG A 182 2.60 -5.76 16.75
CA ARG A 182 3.11 -6.69 17.73
C ARG A 182 1.94 -7.52 18.22
N LEU A 183 2.25 -8.73 18.69
CA LEU A 183 1.31 -9.53 19.45
C LEU A 183 1.86 -9.72 20.85
N ALA A 184 0.97 -9.92 21.79
CA ALA A 184 1.43 -10.11 23.14
C ALA A 184 0.94 -11.45 23.66
N PRO A 185 1.75 -12.16 24.44
CA PRO A 185 1.22 -13.31 25.16
C PRO A 185 0.10 -12.87 26.09
N GLU A 186 -0.82 -13.78 26.38
CA GLU A 186 -1.90 -13.46 27.31
C GLU A 186 -1.33 -12.99 28.63
N GLY A 187 -1.98 -11.99 29.22
CA GLY A 187 -1.54 -11.39 30.46
C GLY A 187 -0.36 -10.46 30.35
N HIS A 188 0.17 -10.25 29.15
CA HIS A 188 1.35 -9.42 28.94
C HIS A 188 1.08 -8.31 27.93
N LEU A 189 -0.18 -8.00 27.63
CA LEU A 189 -0.47 -6.99 26.61
C LEU A 189 0.14 -5.65 26.98
N LEU A 190 -0.09 -5.18 28.20
CA LEU A 190 0.44 -3.88 28.57
C LEU A 190 1.94 -3.92 28.70
N ALA A 191 2.50 -5.02 29.18
CA ALA A 191 3.95 -5.11 29.25
C ALA A 191 4.57 -4.97 27.87
N VAL A 192 3.97 -5.61 26.87
CA VAL A 192 4.49 -5.52 25.50
C VAL A 192 4.29 -4.13 24.94
N ALA A 193 3.10 -3.55 25.13
CA ALA A 193 2.86 -2.22 24.59
C ALA A 193 3.74 -1.18 25.28
N TYR A 194 3.92 -1.30 26.60
CA TYR A 194 4.82 -0.41 27.31
C TYR A 194 6.26 -0.61 26.86
N GLY A 195 6.66 -1.87 26.62
CA GLY A 195 8.00 -2.11 26.09
C GLY A 195 8.20 -1.48 24.73
N LEU A 196 7.18 -1.51 23.88
CA LEU A 196 7.26 -0.85 22.59
C LEU A 196 7.40 0.65 22.77
N ALA A 197 6.63 1.23 23.68
CA ALA A 197 6.78 2.64 24.01
C ALA A 197 8.22 2.93 24.46
N GLU A 198 8.77 2.09 25.34
CA GLU A 198 10.12 2.33 25.82
C GLU A 198 11.12 2.27 24.67
N SER A 199 10.90 1.38 23.71
CA SER A 199 11.82 1.27 22.57
CA SER A 199 11.82 1.27 22.57
C SER A 199 11.82 2.55 21.74
N VAL A 200 10.65 3.17 21.58
CA VAL A 200 10.56 4.44 20.87
C VAL A 200 11.21 5.55 21.68
N VAL A 201 10.94 5.57 22.98
CA VAL A 201 11.44 6.62 23.86
C VAL A 201 12.96 6.58 24.00
N GLU A 202 13.61 5.44 23.75
CA GLU A 202 15.07 5.42 23.71
C GLU A 202 15.64 6.33 22.63
N ASN A 203 14.87 6.62 21.60
CA ASN A 203 15.37 7.38 20.48
C ASN A 203 15.21 8.88 20.72
N ALA A 204 15.81 9.69 19.88
CA ALA A 204 15.89 11.12 20.15
C ALA A 204 14.51 11.76 20.12
N PRO A 205 14.15 12.57 21.12
CA PRO A 205 12.75 13.03 21.21
C PRO A 205 12.24 13.82 20.02
N ILE A 206 12.99 14.81 19.55
CA ILE A 206 12.49 15.66 18.47
C ILE A 206 12.47 14.85 17.18
N ALA A 207 13.48 14.02 16.97
CA ALA A 207 13.54 13.21 15.77
C ALA A 207 12.35 12.26 15.66
N VAL A 208 11.97 11.60 16.75
CA VAL A 208 10.83 10.69 16.72
C VAL A 208 9.57 11.43 16.29
N ALA A 209 9.31 12.58 16.90
CA ALA A 209 8.10 13.33 16.59
C ALA A 209 8.11 13.83 15.15
N THR A 210 9.24 14.40 14.73
CA THR A 210 9.36 14.90 13.38
C THR A 210 9.19 13.79 12.36
N ALA A 211 9.79 12.64 12.61
CA ALA A 211 9.68 11.51 11.68
C ALA A 211 8.24 11.03 11.57
N LYS A 212 7.54 10.95 12.69
CA LYS A 212 6.12 10.60 12.66
C LYS A 212 5.37 11.53 11.70
N HIS A 213 5.60 12.83 11.86
CA HIS A 213 4.86 13.79 11.05
C HIS A 213 5.29 13.74 9.60
N ALA A 214 6.56 13.50 9.31
CA ALA A 214 6.99 13.37 7.92
C ALA A 214 6.25 12.23 7.24
N ILE A 215 6.12 11.10 7.92
CA ILE A 215 5.42 9.96 7.34
C ILE A 215 3.97 10.31 7.05
N ASP A 216 3.27 10.85 8.03
CA ASP A 216 1.84 11.11 7.85
C ASP A 216 1.60 12.23 6.85
N GLU A 217 2.38 13.32 6.91
CA GLU A 217 2.11 14.45 6.03
C GLU A 217 2.44 14.16 4.57
N GLY A 218 3.18 13.09 4.29
CA GLY A 218 3.43 12.70 2.93
C GLY A 218 2.28 11.99 2.26
N THR A 219 1.23 11.66 3.02
CA THR A 219 0.06 10.94 2.51
C THR A 219 -0.53 11.70 1.33
N GLY A 220 -0.63 11.03 0.18
CA GLY A 220 -1.29 11.61 -0.97
C GLY A 220 -0.46 12.59 -1.78
N LEU A 221 0.79 12.82 -1.43
CA LEU A 221 1.61 13.74 -2.20
C LEU A 221 2.26 13.01 -3.37
N GLU A 222 2.43 13.75 -4.45
CA GLU A 222 3.30 13.30 -5.52
C GLU A 222 4.74 13.30 -5.02
N LEU A 223 5.57 12.50 -5.68
CA LEU A 223 6.88 12.17 -5.14
C LEU A 223 7.74 13.40 -4.86
N ASP A 224 7.88 14.30 -5.83
CA ASP A 224 8.76 15.45 -5.61
C ASP A 224 8.27 16.30 -4.45
N ASP A 225 6.97 16.49 -4.33
CA ASP A 225 6.44 17.25 -3.20
C ASP A 225 6.70 16.53 -1.89
N ALA A 226 6.57 15.20 -1.88
CA ALA A 226 6.80 14.45 -0.66
C ALA A 226 8.26 14.55 -0.23
N LEU A 227 9.19 14.50 -1.18
CA LEU A 227 10.60 14.58 -0.84
C LEU A 227 10.96 15.98 -0.34
N ALA A 228 10.36 17.01 -0.92
CA ALA A 228 10.57 18.36 -0.42
C ALA A 228 10.05 18.49 1.00
N LEU A 229 8.90 17.89 1.28
CA LEU A 229 8.36 17.92 2.63
CA LEU A 229 8.35 17.88 2.62
C LEU A 229 9.34 17.28 3.62
N GLU A 230 9.91 16.11 3.28
CA GLU A 230 10.85 15.48 4.18
C GLU A 230 12.03 16.39 4.47
N LEU A 231 12.54 17.10 3.46
CA LEU A 231 13.67 17.99 3.69
C LEU A 231 13.28 19.16 4.58
N ARG A 232 12.06 19.68 4.44
CA ARG A 232 11.58 20.69 5.38
CA ARG A 232 11.58 20.69 5.38
C ARG A 232 11.55 20.13 6.80
N LYS A 233 11.06 18.89 6.95
CA LYS A 233 11.05 18.28 8.27
C LYS A 233 12.46 18.09 8.83
N TYR A 234 13.43 17.76 7.97
CA TYR A 234 14.79 17.57 8.46
C TYR A 234 15.31 18.84 9.14
N GLU A 235 14.86 20.01 8.68
CA GLU A 235 15.27 21.25 9.32
C GLU A 235 14.91 21.27 10.80
N GLU A 236 13.88 20.53 11.21
CA GLU A 236 13.47 20.51 12.62
C GLU A 236 14.48 19.83 13.51
N ILE A 237 15.35 18.99 12.94
CA ILE A 237 16.39 18.34 13.74
C ILE A 237 17.78 18.83 13.39
N LEU A 238 17.94 19.60 12.31
CA LEU A 238 19.27 19.98 11.85
C LEU A 238 20.00 20.86 12.86
N LYS A 239 19.27 21.71 13.58
CA LYS A 239 19.88 22.65 14.52
C LYS A 239 19.75 22.18 15.97
N THR A 240 19.54 20.90 16.20
CA THR A 240 19.38 20.38 17.54
C THR A 240 20.72 19.89 18.12
N GLU A 241 20.82 20.01 19.43
CA GLU A 241 21.96 19.44 20.13
C GLU A 241 21.96 17.93 20.04
N ASP A 242 20.78 17.30 20.01
CA ASP A 242 20.74 15.85 19.95
C ASP A 242 21.37 15.32 18.66
N ARG A 243 21.23 16.04 17.54
CA ARG A 243 21.92 15.62 16.32
C ARG A 243 23.42 15.54 16.56
N LEU A 244 23.97 16.52 17.24
CA LEU A 244 25.40 16.52 17.52
C LEU A 244 25.78 15.41 18.49
N GLU A 245 24.92 15.11 19.46
CA GLU A 245 25.17 14.00 20.36
C GLU A 245 25.22 12.67 19.62
N GLY A 246 24.36 12.48 18.62
CA GLY A 246 24.44 11.25 17.83
C GLY A 246 25.81 11.08 17.19
N LEU A 247 26.35 12.18 16.66
CA LEU A 247 27.65 12.13 15.99
C LEU A 247 28.77 11.94 17.00
N ARG A 248 28.69 12.61 18.15
CA ARG A 248 29.73 12.47 19.17
C ARG A 248 29.72 11.08 19.76
N ALA A 249 28.55 10.51 19.99
CA ALA A 249 28.47 9.16 20.53
C ALA A 249 29.06 8.16 19.56
N PHE A 250 28.78 8.33 18.26
CA PHE A 250 29.39 7.46 17.27
C PHE A 250 30.91 7.59 17.33
N ALA A 251 31.42 8.82 17.37
CA ALA A 251 32.86 9.05 17.39
C ALA A 251 33.50 8.42 18.61
N GLU A 252 32.81 8.44 19.75
CA GLU A 252 33.34 7.91 20.99
C GLU A 252 32.98 6.45 21.20
N LYS A 253 32.33 5.81 20.23
CA LYS A 253 31.97 4.40 20.29
C LYS A 253 31.22 4.08 21.58
N ARG A 254 30.20 4.91 21.85
CA ARG A 254 29.38 4.77 23.04
C ARG A 254 27.93 5.00 22.67
N ALA A 255 27.03 4.62 23.58
CA ALA A 255 25.62 4.88 23.36
C ALA A 255 25.35 6.38 23.45
N PRO A 256 24.49 6.91 22.59
CA PRO A 256 24.07 8.30 22.75
C PRO A 256 23.08 8.41 23.88
N VAL A 257 23.02 9.60 24.47
CA VAL A 257 22.04 9.91 25.50
C VAL A 257 21.41 11.23 25.10
N TYR A 258 20.14 11.19 24.71
CA TYR A 258 19.49 12.37 24.15
C TYR A 258 18.76 13.15 25.23
N LYS A 259 18.55 14.44 24.94
CA LYS A 259 17.96 15.39 25.87
C LYS A 259 16.73 16.09 25.32
N GLY A 260 16.36 15.85 24.06
CA GLY A 260 15.18 16.52 23.53
C GLY A 260 15.41 17.98 23.23
N ARG A 261 16.60 18.33 22.77
CA ARG A 261 16.89 19.70 22.33
C ARG A 261 18.02 19.62 21.32
N GLY B 1 46.74 9.83 0.73
N GLY B 1 46.85 8.86 3.20
CA GLY B 1 46.27 9.68 2.13
CA GLY B 1 46.23 9.63 2.08
C GLY B 1 44.80 9.95 2.45
C GLY B 1 44.79 9.96 2.46
N PRO B 2 44.11 10.82 1.71
CA PRO B 2 42.73 11.11 2.06
C PRO B 2 41.89 9.87 1.87
N HIS B 3 40.85 9.77 2.68
CA HIS B 3 39.95 8.63 2.58
C HIS B 3 39.04 8.88 1.38
N MET B 4 39.23 8.10 0.32
CA MET B 4 38.54 8.30 -0.96
C MET B 4 38.09 6.96 -1.50
N PRO B 5 37.18 6.29 -0.78
CA PRO B 5 36.55 5.09 -1.33
C PRO B 5 35.78 5.47 -2.57
N GLU B 6 35.61 4.50 -3.47
CA GLU B 6 34.95 4.79 -4.72
CA GLU B 6 34.93 4.80 -4.72
C GLU B 6 34.22 3.53 -5.20
N PHE B 7 33.65 3.63 -6.39
CA PHE B 7 32.93 2.53 -7.00
C PHE B 7 33.81 1.75 -7.95
N LYS B 8 33.65 0.43 -7.93
CA LYS B 8 34.09 -0.41 -9.02
C LYS B 8 32.93 -0.53 -9.98
N VAL B 9 33.22 -0.51 -11.27
CA VAL B 9 32.20 -0.66 -12.30
C VAL B 9 32.61 -1.80 -13.21
N ASP B 10 31.75 -2.81 -13.30
CA ASP B 10 31.96 -3.99 -14.14
C ASP B 10 30.91 -3.92 -15.24
N ALA B 11 31.38 -3.74 -16.47
CA ALA B 11 30.48 -3.57 -17.61
C ALA B 11 30.24 -4.92 -18.26
N ARG B 12 28.97 -5.25 -18.47
CA ARG B 12 28.56 -6.47 -19.16
C ARG B 12 27.52 -6.11 -20.21
N GLY B 13 27.92 -5.24 -21.14
CA GLY B 13 27.07 -4.84 -22.22
C GLY B 13 25.88 -4.04 -21.72
N PRO B 14 24.67 -4.56 -21.93
CA PRO B 14 23.48 -3.82 -21.47
C PRO B 14 23.34 -3.81 -19.97
N ILE B 15 24.16 -4.56 -19.23
CA ILE B 15 24.08 -4.63 -17.77
C ILE B 15 25.42 -4.20 -17.18
N GLU B 16 25.39 -3.40 -16.11
CA GLU B 16 26.58 -3.07 -15.35
C GLU B 16 26.37 -3.42 -13.88
N ILE B 17 27.48 -3.72 -13.21
CA ILE B 17 27.49 -3.96 -11.77
C ILE B 17 28.36 -2.87 -11.16
N TRP B 18 27.79 -2.11 -10.22
CA TRP B 18 28.51 -1.08 -9.51
C TRP B 18 28.67 -1.54 -8.07
N THR B 19 29.91 -1.58 -7.60
CA THR B 19 30.22 -2.09 -6.27
C THR B 19 30.81 -0.97 -5.44
N ILE B 20 30.20 -0.69 -4.30
CA ILE B 20 30.76 0.25 -3.33
C ILE B 20 31.99 -0.40 -2.72
N ASP B 21 33.17 0.17 -2.97
CA ASP B 21 34.42 -0.41 -2.51
C ASP B 21 34.95 0.39 -1.32
N GLY B 22 34.26 0.27 -0.19
CA GLY B 22 34.55 1.09 0.97
C GLY B 22 34.47 0.34 2.27
N GLU B 23 35.01 -0.88 2.30
CA GLU B 23 34.76 -1.77 3.41
C GLU B 23 35.33 -1.26 4.74
N SER B 24 36.37 -0.43 4.71
CA SER B 24 36.93 0.03 5.97
C SER B 24 35.95 0.82 6.81
N ARG B 25 34.93 1.41 6.18
CA ARG B 25 33.87 2.13 6.87
C ARG B 25 32.51 1.50 6.56
N ARG B 26 32.52 0.20 6.29
CA ARG B 26 31.29 -0.56 6.07
C ARG B 26 30.47 0.05 4.93
N ASN B 27 31.19 0.46 3.90
CA ASN B 27 30.60 0.94 2.65
C ASN B 27 29.70 2.14 2.88
N ALA B 28 30.01 2.95 3.89
CA ALA B 28 29.32 4.19 4.11
C ALA B 28 29.56 5.14 2.94
N ILE B 29 28.55 5.99 2.68
CA ILE B 29 28.53 6.97 1.59
CA ILE B 29 28.63 6.92 1.57
C ILE B 29 29.16 8.27 2.05
N SER B 30 30.33 8.60 1.56
CA SER B 30 30.96 9.88 1.80
C SER B 30 30.48 10.90 0.78
N ARG B 31 30.85 12.16 1.00
CA ARG B 31 30.51 13.21 0.05
C ARG B 31 31.01 12.86 -1.34
N ALA B 32 32.27 12.44 -1.46
CA ALA B 32 32.82 12.17 -2.79
C ALA B 32 32.18 10.94 -3.42
N MET B 33 31.86 9.93 -2.62
CA MET B 33 31.19 8.76 -3.16
CA MET B 33 31.19 8.75 -3.16
C MET B 33 29.82 9.11 -3.70
N LEU B 34 29.08 9.96 -3.00
CA LEU B 34 27.77 10.35 -3.47
C LEU B 34 27.87 11.17 -4.75
N LYS B 35 28.85 12.06 -4.85
CA LYS B 35 29.08 12.77 -6.09
C LYS B 35 29.34 11.80 -7.23
N GLU B 36 30.16 10.77 -6.98
CA GLU B 36 30.45 9.81 -8.02
C GLU B 36 29.20 9.02 -8.41
N LEU B 37 28.42 8.59 -7.43
CA LEU B 37 27.19 7.86 -7.74
C LEU B 37 26.27 8.70 -8.61
N GLY B 38 26.08 9.97 -8.25
CA GLY B 38 25.21 10.81 -9.05
C GLY B 38 25.71 10.97 -10.47
N GLU B 39 27.02 11.14 -10.63
CA GLU B 39 27.60 11.26 -11.95
C GLU B 39 27.40 9.98 -12.75
N LEU B 40 27.65 8.82 -12.15
CA LEU B 40 27.46 7.57 -12.88
C LEU B 40 26.00 7.38 -13.30
N VAL B 41 25.05 7.74 -12.44
CA VAL B 41 23.64 7.65 -12.81
C VAL B 41 23.34 8.56 -14.00
N THR B 42 23.82 9.80 -13.96
CA THR B 42 23.61 10.71 -15.08
C THR B 42 24.17 10.11 -16.37
N ARG B 43 25.36 9.53 -16.30
CA ARG B 43 25.98 9.06 -17.53
CA ARG B 43 26.01 9.04 -17.51
C ARG B 43 25.28 7.81 -18.07
N VAL B 44 24.90 6.87 -17.21
CA VAL B 44 24.17 5.72 -17.75
C VAL B 44 22.81 6.11 -18.29
N SER B 45 22.21 7.17 -17.74
CA SER B 45 20.91 7.61 -18.18
C SER B 45 20.97 8.35 -19.50
N SER B 46 22.16 8.69 -19.97
CA SER B 46 22.33 9.33 -21.26
C SER B 46 22.73 8.33 -22.34
N SER B 47 23.05 7.10 -21.95
CA SER B 47 23.16 6.00 -22.89
C SER B 47 21.80 5.33 -23.03
N ARG B 48 21.55 4.79 -24.22
CA ARG B 48 20.59 3.72 -24.36
C ARG B 48 21.26 2.36 -24.21
N ASP B 49 22.59 2.36 -24.31
CA ASP B 49 23.40 1.14 -24.23
C ASP B 49 23.01 0.33 -23.00
N VAL B 50 23.02 0.97 -21.85
CA VAL B 50 22.95 0.29 -20.57
C VAL B 50 21.50 0.29 -20.11
N ARG B 51 20.94 -0.89 -19.93
CA ARG B 51 19.53 -0.99 -19.60
C ARG B 51 19.25 -1.49 -18.20
N ALA B 52 20.26 -2.02 -17.50
CA ALA B 52 20.08 -2.37 -16.10
C ALA B 52 21.41 -2.19 -15.39
N VAL B 53 21.33 -1.72 -14.15
CA VAL B 53 22.50 -1.57 -13.28
C VAL B 53 22.18 -2.28 -11.98
N VAL B 54 23.11 -3.11 -11.53
CA VAL B 54 23.06 -3.72 -10.19
C VAL B 54 24.02 -2.96 -9.31
N ILE B 55 23.53 -2.47 -8.17
CA ILE B 55 24.38 -1.81 -7.18
C ILE B 55 24.53 -2.74 -5.99
N THR B 56 25.76 -2.91 -5.51
CA THR B 56 26.02 -3.79 -4.38
C THR B 56 27.18 -3.23 -3.59
N GLY B 57 27.38 -3.74 -2.38
CA GLY B 57 28.52 -3.40 -1.56
C GLY B 57 29.59 -4.48 -1.64
N ALA B 58 30.85 -4.07 -1.54
CA ALA B 58 31.91 -5.06 -1.46
C ALA B 58 31.80 -5.83 -0.15
N GLY B 59 32.06 -7.13 -0.20
CA GLY B 59 32.14 -7.97 0.99
C GLY B 59 30.81 -8.53 1.42
N ASP B 60 30.79 -9.08 2.65
CA ASP B 60 29.64 -9.79 3.17
C ASP B 60 29.09 -9.17 4.45
N LYS B 61 29.56 -7.99 4.83
CA LYS B 61 29.10 -7.34 6.05
C LYS B 61 28.14 -6.20 5.80
N ALA B 62 28.37 -5.42 4.74
CA ALA B 62 27.60 -4.20 4.54
C ALA B 62 27.33 -3.99 3.06
N PHE B 63 26.05 -3.75 2.76
CA PHE B 63 25.69 -3.11 1.51
C PHE B 63 26.09 -1.65 1.55
N CYS B 64 25.64 -0.96 2.60
CA CYS B 64 25.97 0.45 2.80
C CYS B 64 25.51 0.83 4.20
N ALA B 65 26.45 1.24 5.05
CA ALA B 65 26.16 1.57 6.44
C ALA B 65 25.60 2.97 6.64
N GLY B 66 25.21 3.65 5.57
CA GLY B 66 24.63 4.97 5.65
C GLY B 66 25.63 6.03 5.26
N ALA B 67 25.28 7.28 5.53
CA ALA B 67 26.25 8.35 5.34
C ALA B 67 27.47 8.08 6.23
N ASP B 68 28.61 8.57 5.77
CA ASP B 68 29.86 8.44 6.51
C ASP B 68 29.84 9.38 7.71
N LEU B 69 29.70 8.79 8.89
CA LEU B 69 29.51 9.54 10.12
C LEU B 69 30.80 10.13 10.64
N LYS B 70 31.94 9.58 10.23
CA LYS B 70 33.21 10.18 10.58
C LYS B 70 33.37 11.50 9.85
N GLU B 71 33.10 11.49 8.55
CA GLU B 71 33.12 12.71 7.77
C GLU B 71 32.06 13.69 8.25
N ARG B 72 30.87 13.18 8.58
CA ARG B 72 29.75 14.03 8.98
C ARG B 72 30.00 14.78 10.27
N ALA B 73 30.88 14.26 11.14
CA ALA B 73 31.04 14.78 12.49
C ALA B 73 31.11 16.30 12.54
N THR B 74 31.89 16.93 11.66
CA THR B 74 32.10 18.37 11.70
C THR B 74 31.49 19.10 10.52
N MET B 75 30.70 18.43 9.69
CA MET B 75 30.06 19.13 8.57
C MET B 75 29.12 20.21 9.11
N ALA B 76 29.18 21.38 8.48
CA ALA B 76 28.31 22.48 8.85
C ALA B 76 26.91 22.22 8.31
N GLU B 77 25.95 22.97 8.84
CA GLU B 77 24.56 22.78 8.43
C GLU B 77 24.37 22.89 6.93
N ASP B 78 24.99 23.87 6.27
CA ASP B 78 24.81 24.00 4.83
C ASP B 78 25.42 22.83 4.09
N GLU B 79 26.50 22.28 4.61
CA GLU B 79 27.09 21.10 4.01
C GLU B 79 26.16 19.90 4.13
N VAL B 80 25.49 19.75 5.27
CA VAL B 80 24.49 18.70 5.39
C VAL B 80 23.38 18.90 4.35
N ARG B 81 22.89 20.14 4.22
CA ARG B 81 21.87 20.40 3.20
C ARG B 81 22.35 20.00 1.82
N ALA B 82 23.59 20.32 1.48
CA ALA B 82 24.11 19.99 0.17
C ALA B 82 24.16 18.48 -0.03
N PHE B 83 24.53 17.74 1.00
CA PHE B 83 24.57 16.29 0.90
C PHE B 83 23.16 15.73 0.72
N LEU B 84 22.20 16.24 1.49
CA LEU B 84 20.83 15.77 1.32
C LEU B 84 20.32 16.09 -0.09
N ASP B 85 20.70 17.24 -0.65
CA ASP B 85 20.31 17.51 -2.04
CA ASP B 85 20.32 17.54 -2.02
C ASP B 85 20.92 16.51 -2.98
N GLY B 86 22.16 16.08 -2.72
CA GLY B 86 22.77 15.06 -3.55
C GLY B 86 22.04 13.73 -3.48
N LEU B 87 21.61 13.34 -2.29
CA LEU B 87 20.79 12.14 -2.17
C LEU B 87 19.53 12.32 -2.98
N ARG B 88 18.88 13.47 -2.81
CA ARG B 88 17.58 13.67 -3.46
C ARG B 88 17.74 13.60 -4.97
N ARG B 89 18.68 14.36 -5.51
CA ARG B 89 18.91 14.42 -6.95
C ARG B 89 19.30 13.06 -7.49
N THR B 90 20.20 12.37 -6.81
CA THR B 90 20.70 11.10 -7.29
C THR B 90 19.60 10.05 -7.28
N PHE B 91 18.84 9.98 -6.18
CA PHE B 91 17.80 8.98 -6.10
C PHE B 91 16.68 9.28 -7.07
N ARG B 92 16.34 10.55 -7.24
CA ARG B 92 15.34 10.89 -8.24
CA ARG B 92 15.35 10.91 -8.24
C ARG B 92 15.84 10.60 -9.64
N ALA B 93 17.14 10.76 -9.90
CA ALA B 93 17.68 10.46 -11.22
C ALA B 93 17.62 8.96 -11.49
N ILE B 94 17.81 8.14 -10.46
CA ILE B 94 17.60 6.70 -10.62
C ILE B 94 16.17 6.42 -11.06
N GLU B 95 15.20 7.06 -10.39
CA GLU B 95 13.80 6.88 -10.79
C GLU B 95 13.53 7.41 -12.20
N LYS B 96 14.10 8.54 -12.56
CA LYS B 96 13.79 9.11 -13.87
C LYS B 96 14.50 8.40 -15.01
N SER B 97 15.55 7.64 -14.71
CA SER B 97 16.33 6.96 -15.72
C SER B 97 15.49 5.93 -16.45
N ASP B 98 15.79 5.76 -17.74
CA ASP B 98 15.25 4.63 -18.48
C ASP B 98 15.89 3.32 -18.06
N CYS B 99 17.07 3.38 -17.44
CA CYS B 99 17.73 2.20 -16.96
CA CYS B 99 17.75 2.20 -16.93
C CYS B 99 17.04 1.70 -15.69
N VAL B 100 16.99 0.38 -15.54
CA VAL B 100 16.43 -0.24 -14.35
C VAL B 100 17.54 -0.52 -13.36
N PHE B 101 17.34 -0.10 -12.12
CA PHE B 101 18.34 -0.23 -11.06
C PHE B 101 17.90 -1.29 -10.07
N ILE B 102 18.82 -2.21 -9.77
CA ILE B 102 18.59 -3.33 -8.87
C ILE B 102 19.60 -3.21 -7.73
N ALA B 103 19.11 -3.17 -6.50
CA ALA B 103 19.98 -3.20 -5.33
C ALA B 103 20.19 -4.66 -4.93
N ALA B 104 21.44 -5.09 -4.95
CA ALA B 104 21.83 -6.43 -4.50
C ALA B 104 22.40 -6.28 -3.09
N ILE B 105 21.55 -6.57 -2.11
CA ILE B 105 21.82 -6.22 -0.72
C ILE B 105 22.57 -7.37 -0.07
N ASN B 106 23.87 -7.18 0.09
CA ASN B 106 24.82 -8.21 0.51
C ASN B 106 25.10 -8.20 2.00
N GLY B 107 24.55 -7.25 2.74
CA GLY B 107 24.83 -7.10 4.15
C GLY B 107 23.99 -5.98 4.70
N ALA B 108 24.44 -5.36 5.78
CA ALA B 108 23.67 -4.30 6.40
C ALA B 108 23.47 -3.14 5.46
N ALA B 109 22.23 -2.65 5.41
CA ALA B 109 21.86 -1.48 4.62
C ALA B 109 21.14 -0.56 5.61
N LEU B 110 21.82 0.47 6.11
CA LEU B 110 21.32 1.22 7.24
C LEU B 110 21.20 2.68 6.86
N GLY B 111 20.08 3.29 7.22
CA GLY B 111 19.88 4.70 6.99
C GLY B 111 19.94 4.99 5.51
N GLY B 112 20.87 5.86 5.12
CA GLY B 112 21.10 6.14 3.73
C GLY B 112 21.27 4.89 2.88
N GLY B 113 21.81 3.81 3.47
CA GLY B 113 21.93 2.56 2.72
C GLY B 113 20.59 1.94 2.36
N THR B 114 19.66 1.93 3.31
CA THR B 114 18.30 1.50 2.97
C THR B 114 17.67 2.50 2.00
N GLU B 115 17.93 3.80 2.15
CA GLU B 115 17.35 4.77 1.25
C GLU B 115 17.80 4.58 -0.18
N LEU B 116 19.08 4.24 -0.38
CA LEU B 116 19.57 3.89 -1.71
C LEU B 116 18.83 2.69 -2.25
N ALA B 117 18.67 1.66 -1.44
CA ALA B 117 17.93 0.48 -1.88
C ALA B 117 16.50 0.83 -2.27
N LEU B 118 15.85 1.70 -1.48
CA LEU B 118 14.47 2.10 -1.76
C LEU B 118 14.34 2.89 -3.06
N ALA B 119 15.38 3.64 -3.43
CA ALA B 119 15.34 4.39 -4.67
C ALA B 119 15.46 3.49 -5.90
N CYS B 120 16.07 2.33 -5.74
CA CYS B 120 16.19 1.39 -6.85
C CYS B 120 14.83 0.82 -7.22
N ASP B 121 14.75 0.29 -8.43
CA ASP B 121 13.51 -0.30 -8.91
C ASP B 121 13.20 -1.64 -8.25
N LEU B 122 14.22 -2.45 -8.02
CA LEU B 122 14.06 -3.79 -7.50
C LEU B 122 15.17 -4.04 -6.49
N ARG B 123 14.90 -4.97 -5.57
CA ARG B 123 15.84 -5.31 -4.50
C ARG B 123 15.96 -6.81 -4.35
N VAL B 124 17.19 -7.31 -4.28
CA VAL B 124 17.49 -8.70 -4.00
C VAL B 124 18.26 -8.75 -2.68
N ALA B 125 17.88 -9.65 -1.79
CA ALA B 125 18.52 -9.73 -0.48
C ALA B 125 19.23 -11.06 -0.30
N ALA B 126 20.51 -11.00 0.06
CA ALA B 126 21.29 -12.14 0.49
C ALA B 126 20.91 -12.50 1.92
N PRO B 127 21.28 -13.71 2.38
CA PRO B 127 20.99 -14.04 3.78
C PRO B 127 21.55 -13.07 4.80
N ALA B 128 22.68 -12.41 4.52
CA ALA B 128 23.26 -11.45 5.45
C ALA B 128 22.62 -10.08 5.36
N ALA B 129 21.64 -9.89 4.50
CA ALA B 129 21.03 -8.57 4.37
C ALA B 129 20.32 -8.19 5.66
N GLU B 130 20.47 -6.93 6.04
CA GLU B 130 19.76 -6.37 7.17
C GLU B 130 19.39 -4.96 6.74
N LEU B 131 18.15 -4.58 6.95
CA LEU B 131 17.69 -3.26 6.57
C LEU B 131 17.18 -2.52 7.79
N GLY B 132 17.39 -1.21 7.79
CA GLY B 132 16.86 -0.39 8.86
C GLY B 132 17.02 1.07 8.51
N LEU B 133 16.07 1.89 8.96
CA LEU B 133 16.19 3.34 8.93
C LEU B 133 16.43 3.74 10.38
N THR B 134 17.71 3.80 10.75
CA THR B 134 18.13 3.94 12.14
C THR B 134 18.29 5.40 12.56
N GLU B 135 17.88 6.32 11.70
CA GLU B 135 18.14 7.74 11.90
C GLU B 135 17.72 8.27 13.26
N VAL B 136 16.54 7.92 13.78
CA VAL B 136 16.13 8.51 15.05
C VAL B 136 17.04 8.10 16.21
N LYS B 137 17.74 6.98 16.07
CA LYS B 137 18.72 6.57 17.06
C LYS B 137 20.00 7.39 16.98
N LEU B 138 20.18 8.16 15.90
CA LEU B 138 21.26 9.09 15.69
C LEU B 138 20.85 10.54 15.92
N GLY B 139 19.62 10.78 16.35
CA GLY B 139 19.16 12.14 16.55
C GLY B 139 18.65 12.87 15.33
N ILE B 140 18.47 12.16 14.22
CA ILE B 140 18.02 12.76 12.98
C ILE B 140 16.80 12.00 12.46
N ILE B 141 16.32 12.39 11.28
CA ILE B 141 15.28 11.63 10.58
C ILE B 141 15.84 11.15 9.26
N PRO B 142 15.19 10.18 8.61
CA PRO B 142 15.56 9.88 7.23
C PRO B 142 15.41 11.14 6.39
N GLY B 143 16.49 11.50 5.71
CA GLY B 143 16.54 12.69 4.90
C GLY B 143 16.90 12.41 3.45
N GLY B 144 16.91 11.12 3.08
CA GLY B 144 17.15 10.65 1.73
C GLY B 144 15.95 9.95 1.15
N GLY B 145 14.77 10.38 1.59
CA GLY B 145 13.52 9.87 1.07
C GLY B 145 12.89 8.74 1.85
N GLY B 146 13.56 8.25 2.90
CA GLY B 146 13.05 7.09 3.59
C GLY B 146 11.69 7.28 4.24
N THR B 147 11.38 8.48 4.72
CA THR B 147 10.06 8.70 5.31
C THR B 147 8.94 8.62 4.29
N GLN B 148 9.27 8.72 3.01
CA GLN B 148 8.30 8.70 1.94
C GLN B 148 8.32 7.37 1.20
N ARG B 149 9.50 6.92 0.79
CA ARG B 149 9.59 5.71 0.00
C ARG B 149 9.28 4.45 0.81
N LEU B 150 9.63 4.43 2.10
CA LEU B 150 9.33 3.22 2.86
C LEU B 150 7.82 3.03 2.98
N ALA B 151 7.10 4.08 3.34
CA ALA B 151 5.66 3.97 3.50
C ALA B 151 4.99 3.60 2.18
N ARG B 152 5.51 4.06 1.04
CA ARG B 152 4.88 3.68 -0.21
CA ARG B 152 4.97 3.67 -0.26
C ARG B 152 5.03 2.17 -0.49
N LEU B 153 6.02 1.49 0.10
CA LEU B 153 6.17 0.05 -0.05
C LEU B 153 5.50 -0.78 1.03
N VAL B 154 5.44 -0.29 2.26
CA VAL B 154 4.98 -1.11 3.38
C VAL B 154 3.80 -0.51 4.13
N GLY B 155 3.38 0.70 3.81
CA GLY B 155 2.29 1.33 4.52
C GLY B 155 2.79 2.05 5.75
N PRO B 156 1.95 2.94 6.32
CA PRO B 156 2.43 3.82 7.39
C PRO B 156 2.65 3.12 8.71
N GLY B 157 1.95 2.01 8.98
CA GLY B 157 2.12 1.34 10.26
C GLY B 157 3.48 0.66 10.34
N ARG B 158 3.81 -0.11 9.32
CA ARG B 158 5.11 -0.75 9.27
C ARG B 158 6.21 0.29 9.12
N ALA B 159 5.96 1.37 8.37
CA ALA B 159 6.97 2.42 8.25
C ALA B 159 7.22 3.08 9.59
N LYS B 160 6.16 3.37 10.35
CA LYS B 160 6.35 3.95 11.67
C LYS B 160 7.06 2.99 12.60
N ASP B 161 6.75 1.70 12.54
CA ASP B 161 7.46 0.74 13.36
C ASP B 161 8.96 0.87 13.09
N LEU B 162 9.35 0.71 11.83
CA LEU B 162 10.77 0.73 11.50
C LEU B 162 11.41 2.07 11.82
N ILE B 163 10.77 3.17 11.44
CA ILE B 163 11.40 4.48 11.57
C ILE B 163 11.38 4.99 13.01
N LEU B 164 10.31 4.74 13.76
CA LEU B 164 10.25 5.27 15.12
C LEU B 164 11.00 4.40 16.13
N THR B 165 11.09 3.07 15.89
CA THR B 165 11.91 2.22 16.75
C THR B 165 13.34 2.12 16.29
N ALA B 166 13.63 2.40 15.02
CA ALA B 166 14.95 2.26 14.44
C ALA B 166 15.46 0.82 14.45
N ARG B 167 14.57 -0.16 14.55
CA ARG B 167 15.01 -1.54 14.58
C ARG B 167 15.39 -2.04 13.18
N ARG B 168 16.18 -3.11 13.16
CA ARG B 168 16.71 -3.68 11.94
C ARG B 168 16.00 -5.00 11.65
N ILE B 169 15.74 -5.27 10.38
CA ILE B 169 15.08 -6.50 9.97
C ILE B 169 15.97 -7.26 9.02
N ASN B 170 15.75 -8.57 8.99
CA ASN B 170 16.58 -9.48 8.20
CA ASN B 170 16.55 -9.49 8.20
C ASN B 170 15.98 -9.63 6.79
N ALA B 171 16.65 -10.45 5.98
CA ALA B 171 16.30 -10.56 4.56
C ALA B 171 14.89 -11.08 4.37
N ALA B 172 14.55 -12.17 5.05
CA ALA B 172 13.24 -12.77 4.83
C ALA B 172 12.14 -11.88 5.38
N GLU B 173 12.38 -11.17 6.50
CA GLU B 173 11.37 -10.23 6.95
C GLU B 173 11.17 -9.13 5.93
N ALA B 174 12.25 -8.64 5.35
CA ALA B 174 12.14 -7.63 4.30
C ALA B 174 11.35 -8.17 3.12
N PHE B 175 11.62 -9.40 2.70
CA PHE B 175 10.86 -10.00 1.62
C PHE B 175 9.38 -10.05 1.97
N SER B 176 9.07 -10.49 3.19
CA SER B 176 7.70 -10.76 3.56
C SER B 176 6.87 -9.48 3.62
N VAL B 177 7.48 -8.33 3.89
CA VAL B 177 6.74 -7.08 3.93
C VAL B 177 6.84 -6.30 2.62
N GLY B 178 7.46 -6.87 1.59
CA GLY B 178 7.51 -6.20 0.31
C GLY B 178 8.64 -5.22 0.14
N LEU B 179 9.71 -5.37 0.92
CA LEU B 179 10.90 -4.54 0.82
CA LEU B 179 10.89 -4.53 0.77
C LEU B 179 12.01 -5.18 -0.01
N ALA B 180 12.02 -6.50 -0.13
CA ALA B 180 12.93 -7.21 -1.02
C ALA B 180 12.09 -8.04 -1.97
N ASN B 181 12.41 -7.98 -3.25
CA ASN B 181 11.65 -8.72 -4.26
C ASN B 181 12.10 -10.16 -4.41
N ARG B 182 13.36 -10.45 -4.12
CA ARG B 182 13.93 -11.78 -4.28
C ARG B 182 14.81 -12.07 -3.07
N LEU B 183 14.87 -13.36 -2.69
CA LEU B 183 15.79 -13.87 -1.68
C LEU B 183 16.81 -14.77 -2.37
N ALA B 184 18.05 -14.35 -2.35
CA ALA B 184 19.10 -15.13 -2.98
C ALA B 184 19.60 -16.21 -2.04
N PRO B 185 19.84 -17.42 -2.56
CA PRO B 185 20.54 -18.43 -1.75
C PRO B 185 21.89 -17.90 -1.30
N GLU B 186 22.36 -18.44 -0.19
CA GLU B 186 23.70 -18.12 0.29
C GLU B 186 24.72 -18.31 -0.82
N GLY B 187 25.55 -17.29 -1.02
CA GLY B 187 26.61 -17.32 -2.01
C GLY B 187 26.21 -16.96 -3.42
N HIS B 188 24.93 -16.70 -3.68
CA HIS B 188 24.44 -16.53 -5.05
C HIS B 188 23.82 -15.16 -5.30
N LEU B 189 24.09 -14.17 -4.44
CA LEU B 189 23.46 -12.86 -4.58
C LEU B 189 23.64 -12.29 -5.97
N LEU B 190 24.87 -12.19 -6.44
CA LEU B 190 25.08 -11.50 -7.71
C LEU B 190 24.54 -12.31 -8.88
N ALA B 191 24.62 -13.63 -8.81
CA ALA B 191 24.01 -14.43 -9.86
C ALA B 191 22.51 -14.19 -9.93
N VAL B 192 21.85 -14.11 -8.78
CA VAL B 192 20.41 -13.85 -8.76
C VAL B 192 20.11 -12.44 -9.27
N ALA B 193 20.88 -11.46 -8.84
CA ALA B 193 20.65 -10.09 -9.28
C ALA B 193 20.90 -9.94 -10.76
N TYR B 194 21.97 -10.57 -11.26
CA TYR B 194 22.24 -10.52 -12.69
C TYR B 194 21.15 -11.21 -13.49
N GLY B 195 20.64 -12.34 -12.99
CA GLY B 195 19.54 -13.01 -13.68
C GLY B 195 18.28 -12.16 -13.69
N LEU B 196 18.04 -11.44 -12.60
CA LEU B 196 16.93 -10.50 -12.58
C LEU B 196 17.13 -9.42 -13.64
N ALA B 197 18.35 -8.87 -13.73
CA ALA B 197 18.66 -7.89 -14.76
C ALA B 197 18.43 -8.48 -16.15
N GLU B 198 18.85 -9.71 -16.37
CA GLU B 198 18.64 -10.34 -17.67
C GLU B 198 17.15 -10.46 -17.99
N SER B 199 16.32 -10.76 -16.97
CA SER B 199 14.89 -10.90 -17.20
CA SER B 199 14.89 -10.90 -17.20
C SER B 199 14.26 -9.57 -17.62
N VAL B 200 14.84 -8.46 -17.18
CA VAL B 200 14.36 -7.16 -17.62
C VAL B 200 14.87 -6.85 -19.02
N VAL B 201 16.16 -7.12 -19.28
CA VAL B 201 16.81 -6.75 -20.53
C VAL B 201 16.23 -7.51 -21.72
N GLU B 202 15.66 -8.70 -21.48
CA GLU B 202 15.09 -9.42 -22.60
C GLU B 202 13.80 -8.78 -23.11
N ASN B 203 13.21 -7.87 -22.34
CA ASN B 203 11.99 -7.17 -22.73
C ASN B 203 12.33 -5.93 -23.57
N ALA B 204 11.31 -5.36 -24.18
CA ALA B 204 11.53 -4.23 -25.09
C ALA B 204 12.00 -3.00 -24.33
N PRO B 205 13.08 -2.33 -24.76
CA PRO B 205 13.66 -1.27 -23.92
C PRO B 205 12.73 -0.11 -23.60
N ILE B 206 12.02 0.41 -24.60
CA ILE B 206 11.18 1.57 -24.34
C ILE B 206 9.98 1.16 -23.50
N ALA B 207 9.48 -0.06 -23.71
CA ALA B 207 8.34 -0.52 -22.94
C ALA B 207 8.70 -0.63 -21.46
N VAL B 208 9.87 -1.21 -21.16
CA VAL B 208 10.33 -1.29 -19.78
C VAL B 208 10.44 0.09 -19.17
N ALA B 209 11.11 1.01 -19.86
CA ALA B 209 11.32 2.35 -19.31
C ALA B 209 9.99 3.06 -19.10
N THR B 210 9.10 2.98 -20.09
CA THR B 210 7.83 3.68 -20.02
C THR B 210 6.96 3.11 -18.90
N ALA B 211 6.96 1.79 -18.74
CA ALA B 211 6.19 1.19 -17.66
C ALA B 211 6.73 1.61 -16.30
N LYS B 212 8.05 1.63 -16.15
CA LYS B 212 8.65 2.09 -14.90
C LYS B 212 8.18 3.50 -14.58
N HIS B 213 8.24 4.39 -15.57
CA HIS B 213 7.87 5.77 -15.32
C HIS B 213 6.38 5.92 -15.08
N ALA B 214 5.55 5.14 -15.77
CA ALA B 214 4.12 5.18 -15.47
C ALA B 214 3.85 4.85 -14.01
N ILE B 215 4.54 3.84 -13.47
CA ILE B 215 4.32 3.46 -12.08
C ILE B 215 4.72 4.59 -11.14
N ASP B 216 5.93 5.11 -11.27
CA ASP B 216 6.38 6.13 -10.32
C ASP B 216 5.62 7.45 -10.50
N GLU B 217 5.35 7.85 -11.75
CA GLU B 217 4.67 9.11 -11.98
C GLU B 217 3.22 9.09 -11.52
N GLY B 218 2.66 7.91 -11.29
CA GLY B 218 1.32 7.81 -10.74
C GLY B 218 1.25 7.98 -9.24
N THR B 219 2.40 8.08 -8.57
CA THR B 219 2.44 8.26 -7.10
C THR B 219 1.67 9.50 -6.72
N GLY B 220 0.72 9.35 -5.79
CA GLY B 220 0.00 10.49 -5.28
C GLY B 220 -1.09 11.02 -6.17
N LEU B 221 -1.35 10.41 -7.31
CA LEU B 221 -2.42 10.87 -8.18
C LEU B 221 -3.73 10.21 -7.81
N GLU B 222 -4.81 10.96 -7.99
CA GLU B 222 -6.13 10.36 -7.99
C GLU B 222 -6.32 9.53 -9.26
N LEU B 223 -7.28 8.60 -9.20
CA LEU B 223 -7.34 7.55 -10.22
C LEU B 223 -7.53 8.11 -11.62
N ASP B 224 -8.46 9.04 -11.82
CA ASP B 224 -8.66 9.50 -13.19
CA ASP B 224 -8.68 9.57 -13.17
C ASP B 224 -7.41 10.18 -13.73
N ASP B 225 -6.70 10.93 -12.91
CA ASP B 225 -5.45 11.55 -13.37
C ASP B 225 -4.40 10.48 -13.68
N ALA B 226 -4.32 9.45 -12.84
CA ALA B 226 -3.37 8.37 -13.07
C ALA B 226 -3.70 7.63 -14.37
N LEU B 227 -4.98 7.37 -14.63
CA LEU B 227 -5.35 6.68 -15.86
C LEU B 227 -5.04 7.52 -17.08
N ALA B 228 -5.23 8.85 -16.96
CA ALA B 228 -4.93 9.74 -18.09
C ALA B 228 -3.44 9.77 -18.37
N LEU B 229 -2.63 9.73 -17.30
CA LEU B 229 -1.19 9.66 -17.46
CA LEU B 229 -1.18 9.64 -17.42
C LEU B 229 -0.78 8.38 -18.17
N GLU B 230 -1.32 7.23 -17.74
CA GLU B 230 -0.97 5.99 -18.41
C GLU B 230 -1.35 6.04 -19.88
N LEU B 231 -2.53 6.60 -20.17
CA LEU B 231 -2.99 6.62 -21.54
C LEU B 231 -2.07 7.45 -22.41
N ARG B 232 -1.58 8.58 -21.91
CA ARG B 232 -0.63 9.39 -22.68
C ARG B 232 0.61 8.57 -23.00
N LYS B 233 1.12 7.81 -22.03
CA LYS B 233 2.31 7.01 -22.26
C LYS B 233 2.04 5.87 -23.22
N TYR B 234 0.87 5.26 -23.10
CA TYR B 234 0.49 4.19 -24.01
C TYR B 234 0.42 4.71 -25.44
N GLU B 235 -0.19 5.87 -25.63
CA GLU B 235 -0.28 6.42 -26.98
C GLU B 235 1.10 6.71 -27.54
N GLU B 236 2.03 7.16 -26.71
CA GLU B 236 3.39 7.40 -27.19
CA GLU B 236 3.38 7.40 -27.20
C GLU B 236 4.05 6.10 -27.62
N ILE B 237 3.90 5.04 -26.83
CA ILE B 237 4.60 3.83 -27.16
C ILE B 237 4.02 3.16 -28.40
N LEU B 238 2.75 3.42 -28.71
CA LEU B 238 2.17 2.89 -29.95
C LEU B 238 2.96 3.31 -31.18
N LYS B 239 3.66 4.43 -31.11
CA LYS B 239 4.38 4.95 -32.27
C LYS B 239 5.77 4.35 -32.43
N THR B 240 6.21 3.50 -31.50
CA THR B 240 7.55 2.93 -31.60
C THR B 240 7.55 1.77 -32.59
N GLU B 241 8.70 1.54 -33.21
CA GLU B 241 8.83 0.40 -34.10
C GLU B 241 8.81 -0.92 -33.33
N ASP B 242 9.33 -0.93 -32.10
CA ASP B 242 9.32 -2.17 -31.30
C ASP B 242 7.90 -2.66 -31.05
N ARG B 243 6.94 -1.75 -30.91
CA ARG B 243 5.54 -2.17 -30.77
C ARG B 243 5.10 -2.99 -31.99
N LEU B 244 5.47 -2.54 -33.18
CA LEU B 244 5.09 -3.28 -34.38
C LEU B 244 5.83 -4.61 -34.47
N GLU B 245 7.10 -4.63 -34.05
CA GLU B 245 7.86 -5.87 -34.04
C GLU B 245 7.19 -6.90 -33.13
N GLY B 246 6.64 -6.48 -31.98
CA GLY B 246 5.95 -7.41 -31.12
C GLY B 246 4.76 -8.06 -31.81
N LEU B 247 3.98 -7.27 -32.55
CA LEU B 247 2.84 -7.82 -33.27
C LEU B 247 3.28 -8.70 -34.43
N ARG B 248 4.33 -8.28 -35.15
CA ARG B 248 4.80 -9.10 -36.26
C ARG B 248 5.35 -10.42 -35.77
N ALA B 249 6.16 -10.39 -34.71
CA ALA B 249 6.73 -11.64 -34.18
C ALA B 249 5.63 -12.59 -33.73
N PHE B 250 4.55 -12.06 -33.14
CA PHE B 250 3.44 -12.91 -32.74
C PHE B 250 2.73 -13.48 -33.96
N ALA B 251 2.48 -12.65 -34.97
CA ALA B 251 1.83 -13.13 -36.19
C ALA B 251 2.66 -14.19 -36.89
N GLU B 252 3.98 -14.16 -36.70
CA GLU B 252 4.91 -15.07 -37.38
C GLU B 252 5.38 -16.20 -36.48
N LYS B 253 4.84 -16.33 -35.27
CA LYS B 253 5.20 -17.41 -34.36
C LYS B 253 6.71 -17.51 -34.19
N ARG B 254 7.34 -16.37 -33.91
CA ARG B 254 8.78 -16.29 -33.71
C ARG B 254 9.07 -15.33 -32.57
N ALA B 255 10.31 -15.37 -32.09
CA ALA B 255 10.71 -14.46 -31.04
C ALA B 255 10.90 -13.06 -31.62
N PRO B 256 10.50 -12.01 -30.88
CA PRO B 256 10.78 -10.65 -31.33
C PRO B 256 12.24 -10.30 -31.09
N VAL B 257 12.75 -9.38 -31.89
CA VAL B 257 14.06 -8.77 -31.65
C VAL B 257 13.83 -7.28 -31.58
N TYR B 258 14.00 -6.71 -30.39
CA TYR B 258 13.69 -5.32 -30.14
C TYR B 258 14.95 -4.48 -30.30
N LYS B 259 14.76 -3.25 -30.77
CA LYS B 259 15.86 -2.35 -31.07
C LYS B 259 15.88 -1.09 -30.20
N GLY B 260 14.90 -0.92 -29.32
CA GLY B 260 14.87 0.29 -28.51
C GLY B 260 14.46 1.52 -29.28
N ARG B 261 13.58 1.37 -30.26
CA ARG B 261 13.02 2.50 -30.99
C ARG B 261 11.64 2.10 -31.46
N GLY C 1 -27.32 -20.31 -37.47
CA GLY C 1 -26.76 -20.76 -36.16
C GLY C 1 -27.56 -20.21 -34.99
N PRO C 2 -27.33 -20.75 -33.79
CA PRO C 2 -28.10 -20.31 -32.61
C PRO C 2 -27.53 -19.10 -31.90
N HIS C 3 -26.36 -18.60 -32.28
CA HIS C 3 -25.77 -17.41 -31.67
C HIS C 3 -25.55 -17.61 -30.17
N MET C 4 -24.72 -18.60 -29.83
CA MET C 4 -24.36 -18.81 -28.44
C MET C 4 -23.79 -17.53 -27.84
N PRO C 5 -24.31 -17.05 -26.71
CA PRO C 5 -23.81 -15.80 -26.14
CA PRO C 5 -23.80 -15.79 -26.15
C PRO C 5 -22.39 -15.92 -25.63
N GLU C 6 -21.73 -14.78 -25.54
CA GLU C 6 -20.35 -14.74 -25.06
C GLU C 6 -20.25 -15.04 -23.58
N PHE C 7 -21.31 -14.80 -22.79
CA PHE C 7 -21.36 -15.10 -21.39
C PHE C 7 -22.54 -15.99 -21.07
N LYS C 8 -22.36 -16.85 -20.09
CA LYS C 8 -23.45 -17.48 -19.36
C LYS C 8 -23.71 -16.64 -18.12
N VAL C 9 -24.97 -16.26 -17.91
CA VAL C 9 -25.34 -15.43 -16.79
C VAL C 9 -26.31 -16.22 -15.92
N ASP C 10 -25.90 -16.50 -14.69
CA ASP C 10 -26.66 -17.25 -13.72
C ASP C 10 -27.18 -16.26 -12.70
N ALA C 11 -28.47 -15.93 -12.78
CA ALA C 11 -29.07 -14.98 -11.87
C ALA C 11 -29.49 -15.70 -10.59
N ARG C 12 -28.97 -15.22 -9.46
CA ARG C 12 -29.22 -15.81 -8.15
C ARG C 12 -29.74 -14.75 -7.19
N GLY C 13 -30.75 -14.01 -7.62
CA GLY C 13 -31.36 -13.02 -6.77
C GLY C 13 -30.47 -11.80 -6.64
N PRO C 14 -29.92 -11.54 -5.45
CA PRO C 14 -29.06 -10.35 -5.31
C PRO C 14 -27.68 -10.53 -5.90
N ILE C 15 -27.34 -11.72 -6.38
CA ILE C 15 -26.03 -12.04 -6.92
C ILE C 15 -26.23 -12.65 -8.30
N GLU C 16 -25.36 -12.27 -9.24
CA GLU C 16 -25.25 -12.98 -10.51
C GLU C 16 -23.85 -13.55 -10.66
N ILE C 17 -23.75 -14.67 -11.36
CA ILE C 17 -22.48 -15.22 -11.77
CA ILE C 17 -22.48 -15.25 -11.78
C ILE C 17 -22.39 -15.10 -13.29
N TRP C 18 -21.32 -14.47 -13.77
CA TRP C 18 -21.05 -14.32 -15.19
C TRP C 18 -19.88 -15.22 -15.53
N THR C 19 -20.09 -16.17 -16.42
CA THR C 19 -19.04 -17.05 -16.90
C THR C 19 -18.73 -16.69 -18.34
N ILE C 20 -17.48 -16.29 -18.59
CA ILE C 20 -17.02 -16.07 -19.95
C ILE C 20 -17.02 -17.42 -20.64
N ASP C 21 -17.81 -17.54 -21.71
CA ASP C 21 -18.02 -18.84 -22.36
C ASP C 21 -17.16 -18.94 -23.61
N GLY C 22 -15.85 -18.91 -23.38
CA GLY C 22 -14.87 -18.86 -24.44
C GLY C 22 -13.69 -19.77 -24.24
N GLU C 23 -13.94 -20.97 -23.68
CA GLU C 23 -12.84 -21.80 -23.22
C GLU C 23 -11.87 -22.11 -24.35
N SER C 24 -12.38 -22.43 -25.54
CA SER C 24 -11.49 -22.79 -26.65
C SER C 24 -10.65 -21.61 -27.16
N ARG C 25 -10.98 -20.38 -26.75
CA ARG C 25 -10.23 -19.20 -27.13
C ARG C 25 -9.63 -18.51 -25.90
N ARG C 26 -9.42 -19.26 -24.83
CA ARG C 26 -8.79 -18.74 -23.62
CA ARG C 26 -8.79 -18.74 -23.62
C ARG C 26 -9.60 -17.60 -23.00
N ASN C 27 -10.91 -17.61 -23.25
CA ASN C 27 -11.82 -16.65 -22.64
C ASN C 27 -11.40 -15.23 -22.94
N ALA C 28 -10.93 -15.03 -24.17
CA ALA C 28 -10.40 -13.75 -24.60
C ALA C 28 -11.49 -12.68 -24.66
N ILE C 29 -11.02 -11.44 -24.59
CA ILE C 29 -11.87 -10.26 -24.79
C ILE C 29 -11.90 -10.00 -26.30
N SER C 30 -12.76 -10.73 -26.98
CA SER C 30 -13.10 -10.39 -28.35
C SER C 30 -13.99 -9.15 -28.36
N ARG C 31 -14.19 -8.59 -29.55
CA ARG C 31 -15.14 -7.49 -29.67
C ARG C 31 -16.49 -7.88 -29.12
N ALA C 32 -16.97 -9.08 -29.47
CA ALA C 32 -18.29 -9.49 -29.01
C ALA C 32 -18.33 -9.67 -27.50
N MET C 33 -17.27 -10.24 -26.93
CA MET C 33 -17.22 -10.42 -25.49
C MET C 33 -17.26 -9.06 -24.80
N LEU C 34 -16.44 -8.12 -25.26
CA LEU C 34 -16.42 -6.79 -24.67
C LEU C 34 -17.78 -6.13 -24.76
N LYS C 35 -18.45 -6.25 -25.92
CA LYS C 35 -19.75 -5.63 -26.07
C LYS C 35 -20.71 -6.16 -25.01
N GLU C 36 -20.78 -7.48 -24.86
CA GLU C 36 -21.70 -8.02 -23.86
C GLU C 36 -21.29 -7.60 -22.46
N LEU C 37 -19.99 -7.67 -22.14
CA LEU C 37 -19.53 -7.31 -20.80
C LEU C 37 -20.01 -5.91 -20.43
N GLY C 38 -19.83 -4.94 -21.34
CA GLY C 38 -20.24 -3.60 -21.03
C GLY C 38 -21.72 -3.49 -20.77
N GLU C 39 -22.53 -4.20 -21.56
CA GLU C 39 -23.97 -4.18 -21.38
CA GLU C 39 -23.97 -4.15 -21.36
C GLU C 39 -24.39 -4.88 -20.10
N LEU C 40 -23.68 -5.94 -19.71
CA LEU C 40 -23.99 -6.61 -18.45
C LEU C 40 -23.75 -5.69 -17.28
N VAL C 41 -22.66 -4.93 -17.31
CA VAL C 41 -22.37 -3.99 -16.22
C VAL C 41 -23.47 -2.95 -16.13
N THR C 42 -23.89 -2.39 -17.26
CA THR C 42 -24.98 -1.43 -17.24
C THR C 42 -26.25 -2.05 -16.67
N ARG C 43 -26.55 -3.28 -17.06
CA ARG C 43 -27.79 -3.90 -16.61
C ARG C 43 -27.81 -4.11 -15.10
N VAL C 44 -26.71 -4.62 -14.53
CA VAL C 44 -26.74 -4.86 -13.09
C VAL C 44 -26.67 -3.57 -12.31
N SER C 45 -26.05 -2.53 -12.87
CA SER C 45 -26.05 -1.24 -12.20
C SER C 45 -27.45 -0.66 -12.14
N SER C 46 -28.28 -0.90 -13.13
CA SER C 46 -29.63 -0.38 -13.04
C SER C 46 -30.59 -1.32 -12.34
N SER C 47 -30.24 -2.60 -12.19
CA SER C 47 -31.08 -3.55 -11.48
C SER C 47 -31.11 -3.25 -9.99
N ARG C 48 -32.31 -3.11 -9.43
CA ARG C 48 -32.40 -3.02 -7.97
C ARG C 48 -31.93 -4.32 -7.32
N ASP C 49 -32.31 -5.45 -7.90
CA ASP C 49 -32.03 -6.74 -7.28
C ASP C 49 -30.53 -6.95 -7.10
N VAL C 50 -29.75 -6.73 -8.16
CA VAL C 50 -28.39 -7.27 -8.21
C VAL C 50 -27.43 -6.34 -7.51
N ARG C 51 -26.80 -6.84 -6.44
CA ARG C 51 -25.87 -6.08 -5.63
C ARG C 51 -24.44 -6.61 -5.70
N ALA C 52 -24.24 -7.81 -6.21
CA ALA C 52 -22.90 -8.35 -6.37
C ALA C 52 -22.88 -9.27 -7.56
N VAL C 53 -21.74 -9.30 -8.23
CA VAL C 53 -21.51 -10.11 -9.42
C VAL C 53 -20.19 -10.83 -9.24
N VAL C 54 -20.17 -12.12 -9.55
CA VAL C 54 -18.95 -12.89 -9.67
C VAL C 54 -18.67 -13.09 -11.15
N ILE C 55 -17.48 -12.74 -11.59
CA ILE C 55 -17.03 -12.96 -12.97
C ILE C 55 -15.98 -14.07 -12.95
N THR C 56 -16.12 -15.03 -13.85
CA THR C 56 -15.17 -16.12 -13.95
C THR C 56 -15.08 -16.56 -15.40
N GLY C 57 -14.05 -17.33 -15.72
CA GLY C 57 -13.89 -17.90 -17.04
C GLY C 57 -14.30 -19.37 -17.07
N ALA C 58 -14.80 -19.83 -18.21
CA ALA C 58 -15.08 -21.25 -18.35
C ALA C 58 -13.79 -22.05 -18.30
N GLY C 59 -13.84 -23.19 -17.61
CA GLY C 59 -12.72 -24.13 -17.62
C GLY C 59 -11.71 -23.87 -16.52
N ASP C 60 -10.56 -24.53 -16.65
CA ASP C 60 -9.52 -24.52 -15.61
C ASP C 60 -8.19 -23.99 -16.10
N LYS C 61 -8.15 -23.43 -17.30
CA LYS C 61 -6.89 -22.95 -17.88
C LYS C 61 -6.81 -21.44 -17.93
N ALA C 62 -7.91 -20.75 -18.22
CA ALA C 62 -7.88 -19.31 -18.45
C ALA C 62 -9.05 -18.65 -17.73
N PHE C 63 -8.73 -17.66 -16.90
CA PHE C 63 -9.74 -16.70 -16.50
C PHE C 63 -10.11 -15.82 -17.69
N CYS C 64 -9.10 -15.17 -18.28
CA CYS C 64 -9.30 -14.29 -19.43
C CYS C 64 -7.94 -13.92 -19.96
N ALA C 65 -7.66 -14.27 -21.21
CA ALA C 65 -6.35 -14.03 -21.81
C ALA C 65 -6.19 -12.63 -22.37
N GLY C 66 -7.17 -11.75 -22.22
CA GLY C 66 -7.08 -10.43 -22.79
C GLY C 66 -7.54 -10.39 -24.23
N ALA C 67 -7.09 -9.37 -24.95
CA ALA C 67 -7.57 -9.18 -26.31
C ALA C 67 -7.21 -10.38 -27.18
N ASP C 68 -8.11 -10.71 -28.10
CA ASP C 68 -7.86 -11.79 -29.05
C ASP C 68 -7.01 -11.22 -30.18
N LEU C 69 -5.72 -11.59 -30.23
CA LEU C 69 -4.82 -10.96 -31.18
C LEU C 69 -5.08 -11.41 -32.61
N LYS C 70 -5.62 -12.62 -32.80
CA LYS C 70 -6.04 -13.05 -34.13
C LYS C 70 -7.13 -12.13 -34.67
N GLU C 71 -8.17 -11.89 -33.86
CA GLU C 71 -9.20 -10.94 -34.24
C GLU C 71 -8.61 -9.56 -34.43
N ARG C 72 -7.71 -9.15 -33.53
CA ARG C 72 -7.14 -7.81 -33.60
C ARG C 72 -6.50 -7.54 -34.96
N ALA C 73 -5.80 -8.54 -35.50
CA ALA C 73 -5.10 -8.37 -36.76
C ALA C 73 -6.06 -8.13 -37.93
N THR C 74 -7.34 -8.46 -37.76
CA THR C 74 -8.34 -8.23 -38.80
C THR C 74 -9.05 -6.88 -38.65
N MET C 75 -8.81 -6.15 -37.57
CA MET C 75 -9.58 -4.96 -37.26
C MET C 75 -8.97 -3.72 -37.90
N ALA C 76 -9.84 -2.83 -38.38
CA ALA C 76 -9.38 -1.54 -38.87
C ALA C 76 -8.94 -0.66 -37.71
N GLU C 77 -8.24 0.41 -38.07
CA GLU C 77 -7.66 1.29 -37.07
C GLU C 77 -8.72 1.89 -36.16
N ASP C 78 -9.83 2.35 -36.74
CA ASP C 78 -10.87 2.94 -35.91
C ASP C 78 -11.49 1.92 -34.99
N GLU C 79 -11.62 0.67 -35.47
CA GLU C 79 -12.19 -0.38 -34.65
C GLU C 79 -11.28 -0.69 -33.47
N VAL C 80 -9.96 -0.69 -33.69
CA VAL C 80 -9.04 -0.90 -32.58
C VAL C 80 -9.15 0.22 -31.55
N ARG C 81 -9.13 1.47 -32.00
CA ARG C 81 -9.28 2.61 -31.09
CA ARG C 81 -9.26 2.56 -31.05
C ARG C 81 -10.57 2.48 -30.28
N ALA C 82 -11.67 2.12 -30.94
CA ALA C 82 -12.96 1.98 -30.28
C ALA C 82 -12.92 0.85 -29.27
N PHE C 83 -12.27 -0.26 -29.61
CA PHE C 83 -12.16 -1.38 -28.68
C PHE C 83 -11.44 -0.95 -27.41
N LEU C 84 -10.29 -0.30 -27.57
CA LEU C 84 -9.51 0.10 -26.41
C LEU C 84 -10.28 1.10 -25.56
N ASP C 85 -10.94 2.05 -26.21
CA ASP C 85 -11.74 3.00 -25.47
C ASP C 85 -12.88 2.31 -24.73
N GLY C 86 -13.56 1.37 -25.39
CA GLY C 86 -14.64 0.66 -24.75
C GLY C 86 -14.18 -0.19 -23.59
N LEU C 87 -13.00 -0.79 -23.71
CA LEU C 87 -12.43 -1.56 -22.61
C LEU C 87 -12.20 -0.68 -21.39
N ARG C 88 -11.56 0.47 -21.60
CA ARG C 88 -11.32 1.42 -20.52
C ARG C 88 -12.63 1.87 -19.90
N ARG C 89 -13.64 2.19 -20.71
CA ARG C 89 -14.92 2.64 -20.18
C ARG C 89 -15.58 1.55 -19.35
N THR C 90 -15.47 0.30 -19.79
CA THR C 90 -16.10 -0.79 -19.06
C THR C 90 -15.44 -0.99 -17.70
N PHE C 91 -14.11 -0.94 -17.64
CA PHE C 91 -13.43 -1.05 -16.37
C PHE C 91 -13.85 0.08 -15.43
N ARG C 92 -13.93 1.31 -15.95
CA ARG C 92 -14.31 2.43 -15.11
C ARG C 92 -15.75 2.27 -14.62
N ALA C 93 -16.62 1.73 -15.47
CA ALA C 93 -18.01 1.52 -15.09
C ALA C 93 -18.13 0.49 -13.97
N ILE C 94 -17.31 -0.56 -14.01
CA ILE C 94 -17.28 -1.53 -12.92
C ILE C 94 -16.92 -0.84 -11.61
N GLU C 95 -15.91 0.02 -11.67
CA GLU C 95 -15.45 0.74 -10.48
C GLU C 95 -16.53 1.68 -9.95
N LYS C 96 -17.21 2.40 -10.85
CA LYS C 96 -18.18 3.40 -10.41
C LYS C 96 -19.52 2.78 -10.03
N SER C 97 -19.77 1.54 -10.44
CA SER C 97 -21.03 0.90 -10.14
C SER C 97 -21.21 0.71 -8.65
N ASP C 98 -22.46 0.82 -8.20
CA ASP C 98 -22.81 0.43 -6.84
C ASP C 98 -22.70 -1.07 -6.62
N CYS C 99 -22.78 -1.85 -7.69
CA CYS C 99 -22.65 -3.30 -7.60
CA CYS C 99 -22.63 -3.30 -7.61
C CYS C 99 -21.21 -3.64 -7.23
N VAL C 100 -21.06 -4.66 -6.38
CA VAL C 100 -19.74 -5.16 -5.97
C VAL C 100 -19.34 -6.29 -6.90
N PHE C 101 -18.16 -6.19 -7.48
CA PHE C 101 -17.68 -7.16 -8.45
C PHE C 101 -16.56 -7.99 -7.87
N ILE C 102 -16.68 -9.31 -8.01
CA ILE C 102 -15.73 -10.28 -7.52
C ILE C 102 -15.20 -11.06 -8.70
N ALA C 103 -13.89 -11.04 -8.92
CA ALA C 103 -13.27 -11.84 -9.95
C ALA C 103 -12.86 -13.18 -9.35
N ALA C 104 -13.45 -14.25 -9.86
CA ALA C 104 -13.13 -15.62 -9.46
C ALA C 104 -12.15 -16.17 -10.48
N ILE C 105 -10.88 -16.12 -10.10
CA ILE C 105 -9.78 -16.36 -11.03
CA ILE C 105 -9.76 -16.36 -11.02
C ILE C 105 -9.52 -17.87 -11.07
N ASN C 106 -9.97 -18.49 -12.16
CA ASN C 106 -9.95 -19.93 -12.35
C ASN C 106 -8.75 -20.42 -13.14
N GLY C 107 -7.91 -19.52 -13.65
CA GLY C 107 -6.81 -19.89 -14.49
C GLY C 107 -6.01 -18.65 -14.82
N ALA C 108 -5.33 -18.65 -15.95
CA ALA C 108 -4.48 -17.55 -16.32
C ALA C 108 -5.29 -16.30 -16.66
N ALA C 109 -4.81 -15.17 -16.17
CA ALA C 109 -5.29 -13.84 -16.56
C ALA C 109 -4.09 -13.12 -17.15
N LEU C 110 -4.27 -12.56 -18.34
CA LEU C 110 -3.23 -11.82 -19.03
C LEU C 110 -3.82 -10.55 -19.61
N GLY C 111 -3.01 -9.50 -19.65
CA GLY C 111 -3.39 -8.29 -20.39
C GLY C 111 -4.70 -7.73 -19.88
N GLY C 112 -5.61 -7.47 -20.82
CA GLY C 112 -6.91 -6.97 -20.47
C GLY C 112 -7.67 -7.86 -19.51
N GLY C 113 -7.37 -9.16 -19.48
CA GLY C 113 -7.99 -10.04 -18.50
C GLY C 113 -7.52 -9.76 -17.08
N THR C 114 -6.22 -9.49 -16.92
CA THR C 114 -5.71 -9.06 -15.63
C THR C 114 -6.28 -7.70 -15.25
N GLU C 115 -6.36 -6.79 -16.22
CA GLU C 115 -6.94 -5.48 -15.95
C GLU C 115 -8.39 -5.60 -15.50
N LEU C 116 -9.14 -6.52 -16.11
CA LEU C 116 -10.51 -6.77 -15.67
C LEU C 116 -10.54 -7.24 -14.22
N ALA C 117 -9.66 -8.19 -13.87
CA ALA C 117 -9.60 -8.64 -12.49
C ALA C 117 -9.27 -7.49 -11.54
N LEU C 118 -8.37 -6.60 -11.95
CA LEU C 118 -7.97 -5.47 -11.12
C LEU C 118 -9.07 -4.43 -10.98
N ALA C 119 -9.94 -4.30 -11.98
CA ALA C 119 -11.05 -3.36 -11.91
C ALA C 119 -12.11 -3.81 -10.93
N CYS C 120 -12.18 -5.11 -10.66
CA CYS C 120 -13.13 -5.65 -9.70
C CYS C 120 -12.79 -5.18 -8.29
N ASP C 121 -13.77 -5.32 -7.40
CA ASP C 121 -13.60 -4.93 -6.00
C ASP C 121 -12.84 -5.97 -5.18
N LEU C 122 -13.05 -7.25 -5.48
CA LEU C 122 -12.51 -8.35 -4.71
C LEU C 122 -12.10 -9.45 -5.69
N ARG C 123 -11.17 -10.30 -5.28
CA ARG C 123 -10.66 -11.37 -6.11
C ARG C 123 -10.52 -12.64 -5.28
N VAL C 124 -10.87 -13.76 -5.88
CA VAL C 124 -10.70 -15.09 -5.31
C VAL C 124 -9.84 -15.89 -6.26
N ALA C 125 -8.83 -16.57 -5.75
CA ALA C 125 -7.89 -17.32 -6.58
C ALA C 125 -8.04 -18.82 -6.36
N ALA C 126 -8.35 -19.53 -7.43
CA ALA C 126 -8.22 -20.97 -7.44
C ALA C 126 -6.74 -21.36 -7.48
N PRO C 127 -6.42 -22.63 -7.24
CA PRO C 127 -5.00 -23.01 -7.33
C PRO C 127 -4.40 -22.79 -8.70
N ALA C 128 -5.20 -22.82 -9.76
CA ALA C 128 -4.70 -22.59 -11.11
C ALA C 128 -4.58 -21.11 -11.44
N ALA C 129 -4.94 -20.20 -10.54
CA ALA C 129 -4.90 -18.79 -10.87
C ALA C 129 -3.48 -18.33 -11.13
N GLU C 130 -3.31 -17.57 -12.22
CA GLU C 130 -2.01 -16.95 -12.51
C GLU C 130 -2.34 -15.62 -13.15
N LEU C 131 -1.71 -14.54 -12.72
CA LEU C 131 -2.00 -13.24 -13.31
C LEU C 131 -0.74 -12.59 -13.82
N GLY C 132 -0.82 -12.01 -15.01
CA GLY C 132 0.32 -11.31 -15.56
C GLY C 132 -0.09 -10.06 -16.31
N LEU C 133 0.80 -9.09 -16.31
CA LEU C 133 0.80 -7.93 -17.21
C LEU C 133 2.16 -8.01 -17.88
N THR C 134 2.23 -8.76 -18.98
CA THR C 134 3.49 -9.11 -19.60
C THR C 134 3.76 -8.31 -20.87
N GLU C 135 3.05 -7.19 -21.03
CA GLU C 135 3.12 -6.38 -22.24
C GLU C 135 4.52 -5.98 -22.67
N VAL C 136 5.44 -5.76 -21.73
CA VAL C 136 6.76 -5.32 -22.15
C VAL C 136 7.45 -6.37 -23.01
N LYS C 137 7.06 -7.65 -22.90
CA LYS C 137 7.53 -8.68 -23.81
C LYS C 137 7.07 -8.46 -25.24
N LEU C 138 6.00 -7.69 -25.42
CA LEU C 138 5.41 -7.40 -26.72
C LEU C 138 5.79 -6.04 -27.24
N GLY C 139 6.63 -5.29 -26.54
CA GLY C 139 6.99 -3.96 -26.97
C GLY C 139 6.01 -2.88 -26.61
N ILE C 140 5.08 -3.15 -25.70
CA ILE C 140 4.07 -2.17 -25.32
CA ILE C 140 4.04 -2.21 -25.34
C ILE C 140 3.94 -2.17 -23.80
N ILE C 141 3.01 -1.35 -23.29
CA ILE C 141 2.68 -1.33 -21.87
C ILE C 141 1.20 -1.66 -21.77
N PRO C 142 0.69 -1.98 -20.59
CA PRO C 142 -0.75 -2.14 -20.44
C PRO C 142 -1.51 -0.94 -20.99
N GLY C 143 -2.61 -1.20 -21.69
CA GLY C 143 -3.38 -0.15 -22.34
C GLY C 143 -4.72 0.12 -21.70
N GLY C 144 -5.07 -0.63 -20.66
CA GLY C 144 -6.35 -0.55 -20.00
C GLY C 144 -6.20 -0.28 -18.52
N GLY C 145 -5.23 0.56 -18.17
CA GLY C 145 -5.05 0.99 -16.80
C GLY C 145 -4.29 0.03 -15.91
N GLY C 146 -3.76 -1.06 -16.46
CA GLY C 146 -3.13 -2.06 -15.63
C GLY C 146 -1.98 -1.55 -14.79
N THR C 147 -1.16 -0.63 -15.31
CA THR C 147 -0.03 -0.15 -14.52
CA THR C 147 -0.03 -0.19 -14.51
C THR C 147 -0.50 0.53 -13.26
N GLN C 148 -1.52 1.38 -13.37
CA GLN C 148 -2.00 2.15 -12.23
C GLN C 148 -2.83 1.29 -11.32
N ARG C 149 -3.72 0.48 -11.88
CA ARG C 149 -4.55 -0.36 -11.03
C ARG C 149 -3.69 -1.34 -10.23
N LEU C 150 -2.65 -1.89 -10.86
CA LEU C 150 -1.78 -2.80 -10.12
C LEU C 150 -1.01 -2.06 -9.04
N ALA C 151 -0.39 -0.93 -9.38
CA ALA C 151 0.40 -0.22 -8.40
C ALA C 151 -0.45 0.28 -7.24
N ARG C 152 -1.70 0.68 -7.50
CA ARG C 152 -2.53 1.14 -6.41
CA ARG C 152 -2.61 1.12 -6.45
C ARG C 152 -2.95 -0.02 -5.49
N LEU C 153 -2.98 -1.24 -6.00
CA LEU C 153 -3.37 -2.39 -5.19
C LEU C 153 -2.20 -2.98 -4.41
N VAL C 154 -1.03 -3.14 -5.04
CA VAL C 154 0.09 -3.84 -4.44
C VAL C 154 1.32 -2.97 -4.22
N GLY C 155 1.27 -1.69 -4.57
CA GLY C 155 2.40 -0.81 -4.39
C GLY C 155 3.38 -0.86 -5.55
N PRO C 156 4.31 0.11 -5.58
CA PRO C 156 5.16 0.28 -6.76
C PRO C 156 6.27 -0.76 -6.88
N GLY C 157 6.76 -1.28 -5.75
CA GLY C 157 7.82 -2.27 -5.83
C GLY C 157 7.32 -3.56 -6.42
N ARG C 158 6.18 -4.03 -5.95
CA ARG C 158 5.62 -5.25 -6.51
CA ARG C 158 5.60 -5.25 -6.50
C ARG C 158 5.12 -5.04 -7.93
N ALA C 159 4.55 -3.87 -8.21
CA ALA C 159 4.11 -3.61 -9.59
C ALA C 159 5.29 -3.57 -10.54
N LYS C 160 6.41 -2.95 -10.11
CA LYS C 160 7.59 -2.95 -10.98
C LYS C 160 8.12 -4.36 -11.20
N ASP C 161 8.12 -5.20 -10.17
CA ASP C 161 8.56 -6.57 -10.36
C ASP C 161 7.72 -7.23 -11.45
N LEU C 162 6.40 -7.24 -11.26
CA LEU C 162 5.56 -7.97 -12.19
C LEU C 162 5.65 -7.38 -13.61
N ILE C 163 5.59 -6.06 -13.73
CA ILE C 163 5.50 -5.47 -15.06
C ILE C 163 6.85 -5.38 -15.73
N LEU C 164 7.91 -4.99 -15.02
CA LEU C 164 9.20 -4.83 -15.68
C LEU C 164 9.85 -6.17 -16.01
N THR C 165 9.61 -7.21 -15.20
CA THR C 165 10.16 -8.53 -15.51
C THR C 165 9.19 -9.38 -16.29
N ALA C 166 7.94 -8.94 -16.42
CA ALA C 166 6.92 -9.66 -17.16
C ALA C 166 6.72 -11.06 -16.58
N ARG C 167 6.69 -11.15 -15.26
CA ARG C 167 6.45 -12.44 -14.64
C ARG C 167 5.04 -12.51 -14.09
N ARG C 168 4.55 -13.73 -13.99
CA ARG C 168 3.21 -13.94 -13.47
C ARG C 168 3.26 -14.08 -11.96
N ILE C 169 2.13 -13.76 -11.33
CA ILE C 169 1.92 -13.95 -9.90
C ILE C 169 0.90 -15.06 -9.73
N ASN C 170 1.22 -16.05 -8.89
CA ASN C 170 0.38 -17.21 -8.65
C ASN C 170 -0.42 -17.03 -7.36
N ALA C 171 -1.22 -18.03 -7.01
CA ALA C 171 -2.30 -17.82 -6.04
C ALA C 171 -1.77 -17.43 -4.66
N ALA C 172 -0.79 -18.18 -4.12
CA ALA C 172 -0.35 -17.92 -2.76
C ALA C 172 0.28 -16.55 -2.63
N GLU C 173 1.05 -16.12 -3.63
CA GLU C 173 1.64 -14.80 -3.59
C GLU C 173 0.57 -13.74 -3.75
N ALA C 174 -0.38 -13.98 -4.65
CA ALA C 174 -1.48 -13.03 -4.79
C ALA C 174 -2.18 -12.82 -3.45
N PHE C 175 -2.40 -13.90 -2.70
CA PHE C 175 -3.03 -13.77 -1.39
C PHE C 175 -2.14 -12.99 -0.42
N SER C 176 -0.85 -13.32 -0.38
CA SER C 176 0.05 -12.67 0.56
CA SER C 176 0.05 -12.67 0.56
C SER C 176 0.08 -11.16 0.37
N VAL C 177 0.00 -10.70 -0.89
CA VAL C 177 0.16 -9.29 -1.18
C VAL C 177 -1.18 -8.56 -1.25
N GLY C 178 -2.29 -9.25 -0.99
CA GLY C 178 -3.59 -8.62 -0.95
C GLY C 178 -4.28 -8.51 -2.29
N LEU C 179 -3.70 -9.09 -3.34
CA LEU C 179 -4.33 -9.09 -4.66
CA LEU C 179 -4.30 -9.12 -4.67
C LEU C 179 -5.47 -10.09 -4.70
N ALA C 180 -5.31 -11.25 -4.08
CA ALA C 180 -6.39 -12.23 -3.92
C ALA C 180 -6.88 -12.15 -2.48
N ASN C 181 -8.16 -11.90 -2.29
CA ASN C 181 -8.74 -11.82 -0.97
C ASN C 181 -8.99 -13.18 -0.36
N ARG C 182 -9.22 -14.20 -1.18
CA ARG C 182 -9.44 -15.55 -0.72
C ARG C 182 -8.69 -16.50 -1.63
N LEU C 183 -8.24 -17.60 -1.02
CA LEU C 183 -7.75 -18.78 -1.73
C LEU C 183 -8.83 -19.86 -1.70
N ALA C 184 -9.24 -20.31 -2.83
CA ALA C 184 -10.24 -21.37 -2.84
C ALA C 184 -9.56 -22.73 -2.97
N PRO C 185 -10.06 -23.74 -2.27
CA PRO C 185 -9.59 -25.11 -2.51
C PRO C 185 -9.93 -25.55 -3.93
N GLU C 186 -9.19 -26.54 -4.40
CA GLU C 186 -9.44 -27.09 -5.74
C GLU C 186 -10.90 -27.52 -5.85
N GLY C 187 -11.54 -27.12 -6.96
CA GLY C 187 -12.91 -27.48 -7.23
C GLY C 187 -13.94 -26.63 -6.53
N HIS C 188 -13.53 -25.68 -5.68
CA HIS C 188 -14.47 -24.91 -4.88
C HIS C 188 -14.45 -23.42 -5.18
N LEU C 189 -13.88 -23.01 -6.31
CA LEU C 189 -13.74 -21.60 -6.62
C LEU C 189 -15.07 -20.86 -6.52
N LEU C 190 -16.08 -21.35 -7.24
CA LEU C 190 -17.33 -20.60 -7.28
CA LEU C 190 -17.33 -20.60 -7.29
C LEU C 190 -18.05 -20.63 -5.95
N ALA C 191 -17.96 -21.74 -5.22
CA ALA C 191 -18.55 -21.78 -3.89
C ALA C 191 -17.93 -20.72 -2.99
N VAL C 192 -16.61 -20.56 -3.04
CA VAL C 192 -15.93 -19.57 -2.21
C VAL C 192 -16.30 -18.17 -2.67
N ALA C 193 -16.27 -17.92 -3.98
CA ALA C 193 -16.60 -16.60 -4.49
C ALA C 193 -18.06 -16.24 -4.21
N TYR C 194 -18.96 -17.20 -4.38
CA TYR C 194 -20.36 -16.97 -4.07
C TYR C 194 -20.56 -16.72 -2.58
N GLY C 195 -19.86 -17.46 -1.73
CA GLY C 195 -19.98 -17.21 -0.30
C GLY C 195 -19.47 -15.83 0.09
N LEU C 196 -18.42 -15.36 -0.57
CA LEU C 196 -17.93 -14.01 -0.34
C LEU C 196 -18.99 -12.99 -0.75
N ALA C 197 -19.60 -13.19 -1.92
CA ALA C 197 -20.69 -12.31 -2.34
C ALA C 197 -21.84 -12.33 -1.33
N GLU C 198 -22.20 -13.51 -0.84
CA GLU C 198 -23.28 -13.60 0.13
C GLU C 198 -22.95 -12.81 1.39
N SER C 199 -21.69 -12.84 1.82
CA SER C 199 -21.30 -12.12 3.03
CA SER C 199 -21.32 -12.11 3.03
C SER C 199 -21.41 -10.61 2.84
N VAL C 200 -21.18 -10.11 1.63
CA VAL C 200 -21.38 -8.70 1.35
C VAL C 200 -22.87 -8.36 1.35
N VAL C 201 -23.67 -9.18 0.65
CA VAL C 201 -25.07 -8.80 0.48
CA VAL C 201 -25.11 -8.95 0.46
C VAL C 201 -25.88 -8.98 1.77
N GLU C 202 -25.35 -9.65 2.80
CA GLU C 202 -26.00 -9.63 4.11
CA GLU C 202 -26.00 -9.62 4.10
C GLU C 202 -26.10 -8.21 4.66
N ASN C 203 -25.22 -7.33 4.23
CA ASN C 203 -25.14 -6.00 4.81
C ASN C 203 -26.08 -5.02 4.10
N ALA C 204 -26.19 -3.82 4.66
CA ALA C 204 -27.19 -2.87 4.18
C ALA C 204 -26.86 -2.41 2.77
N PRO C 205 -27.82 -2.37 1.84
CA PRO C 205 -27.47 -2.13 0.43
C PRO C 205 -26.82 -0.78 0.14
N ILE C 206 -27.37 0.31 0.67
CA ILE C 206 -26.82 1.61 0.34
C ILE C 206 -25.45 1.77 0.99
N ALA C 207 -25.33 1.28 2.21
CA ALA C 207 -24.08 1.39 2.94
C ALA C 207 -22.95 0.67 2.22
N VAL C 208 -23.19 -0.54 1.74
CA VAL C 208 -22.16 -1.27 1.01
C VAL C 208 -21.69 -0.47 -0.20
N ALA C 209 -22.63 0.05 -1.01
CA ALA C 209 -22.24 0.78 -2.21
C ALA C 209 -21.48 2.05 -1.86
N THR C 210 -21.99 2.80 -0.89
CA THR C 210 -21.34 4.05 -0.50
C THR C 210 -19.94 3.78 0.05
N ALA C 211 -19.78 2.73 0.85
CA ALA C 211 -18.48 2.40 1.40
C ALA C 211 -17.49 2.03 0.30
N LYS C 212 -17.94 1.26 -0.69
CA LYS C 212 -17.10 0.95 -1.84
C LYS C 212 -16.54 2.23 -2.44
N HIS C 213 -17.41 3.21 -2.69
CA HIS C 213 -16.96 4.42 -3.37
C HIS C 213 -16.09 5.28 -2.47
N ALA C 214 -16.38 5.30 -1.16
CA ALA C 214 -15.54 6.05 -0.25
C ALA C 214 -14.11 5.53 -0.27
N ILE C 215 -13.94 4.20 -0.26
CA ILE C 215 -12.61 3.60 -0.31
C ILE C 215 -11.92 4.00 -1.60
N ASP C 216 -12.60 3.78 -2.73
CA ASP C 216 -11.96 3.99 -4.03
C ASP C 216 -11.63 5.45 -4.28
N GLU C 217 -12.55 6.36 -3.94
CA GLU C 217 -12.36 7.76 -4.27
C GLU C 217 -11.33 8.42 -3.38
N GLY C 218 -10.97 7.80 -2.26
CA GLY C 218 -10.01 8.41 -1.36
C GLY C 218 -8.56 8.25 -1.77
N THR C 219 -8.25 7.30 -2.64
CA THR C 219 -6.84 7.07 -2.95
CA THR C 219 -6.88 7.01 -3.05
C THR C 219 -6.28 8.23 -3.76
N GLY C 220 -5.12 8.70 -3.32
CA GLY C 220 -4.49 9.84 -3.91
C GLY C 220 -4.80 11.14 -3.21
N LEU C 221 -5.74 11.14 -2.29
CA LEU C 221 -6.03 12.34 -1.54
C LEU C 221 -5.09 12.47 -0.35
N GLU C 222 -4.74 13.71 -0.06
CA GLU C 222 -4.10 14.02 1.20
C GLU C 222 -5.11 13.72 2.32
N LEU C 223 -4.60 13.49 3.52
CA LEU C 223 -5.44 12.88 4.55
C LEU C 223 -6.67 13.73 4.87
N ASP C 224 -6.49 15.02 5.11
CA ASP C 224 -7.66 15.83 5.50
C ASP C 224 -8.70 15.82 4.39
N ASP C 225 -8.27 15.92 3.13
CA ASP C 225 -9.21 15.83 2.02
C ASP C 225 -9.91 14.47 1.99
N ALA C 226 -9.17 13.39 2.26
CA ALA C 226 -9.77 12.06 2.25
C ALA C 226 -10.83 11.93 3.33
N LEU C 227 -10.56 12.49 4.51
CA LEU C 227 -11.52 12.39 5.60
C LEU C 227 -12.75 13.23 5.30
N ALA C 228 -12.58 14.38 4.65
CA ALA C 228 -13.73 15.15 4.23
C ALA C 228 -14.57 14.38 3.20
N LEU C 229 -13.90 13.69 2.28
CA LEU C 229 -14.63 12.86 1.33
CA LEU C 229 -14.62 12.84 1.33
C LEU C 229 -15.46 11.81 2.06
N GLU C 230 -14.88 11.14 3.06
CA GLU C 230 -15.64 10.12 3.78
C GLU C 230 -16.88 10.71 4.43
N LEU C 231 -16.76 11.91 5.01
CA LEU C 231 -17.93 12.51 5.64
C LEU C 231 -18.98 12.94 4.61
N ARG C 232 -18.57 13.36 3.41
CA ARG C 232 -19.52 13.58 2.34
CA ARG C 232 -19.54 13.58 2.35
C ARG C 232 -20.25 12.30 2.00
N LYS C 233 -19.51 11.20 1.91
CA LYS C 233 -20.13 9.92 1.62
C LYS C 233 -21.08 9.50 2.75
N TYR C 234 -20.73 9.81 3.99
CA TYR C 234 -21.62 9.48 5.10
C TYR C 234 -23.00 10.11 4.91
N GLU C 235 -23.06 11.28 4.27
CA GLU C 235 -24.36 11.91 4.02
C GLU C 235 -25.29 10.99 3.23
N GLU C 236 -24.73 10.09 2.42
CA GLU C 236 -25.55 9.20 1.60
C GLU C 236 -26.31 8.18 2.42
N ILE C 237 -25.87 7.91 3.65
CA ILE C 237 -26.58 6.97 4.52
C ILE C 237 -27.25 7.65 5.70
N LEU C 238 -26.99 8.94 5.91
CA LEU C 238 -27.48 9.61 7.11
C LEU C 238 -29.00 9.67 7.15
N LYS C 239 -29.64 9.89 6.01
CA LYS C 239 -31.10 10.03 5.97
C LYS C 239 -31.81 8.76 5.53
N THR C 240 -31.16 7.61 5.66
CA THR C 240 -31.76 6.37 5.20
C THR C 240 -32.54 5.67 6.31
N GLU C 241 -33.58 4.97 5.88
CA GLU C 241 -34.32 4.12 6.81
CA GLU C 241 -34.32 4.12 6.81
C GLU C 241 -33.42 3.03 7.37
N ASP C 242 -32.52 2.49 6.55
CA ASP C 242 -31.68 1.40 7.01
C ASP C 242 -30.77 1.83 8.17
N ARG C 243 -30.29 3.09 8.17
CA ARG C 243 -29.51 3.55 9.32
CA ARG C 243 -29.51 3.54 9.32
C ARG C 243 -30.34 3.48 10.59
N LEU C 244 -31.59 3.93 10.53
CA LEU C 244 -32.43 3.89 11.72
C LEU C 244 -32.71 2.45 12.13
N GLU C 245 -32.86 1.55 11.16
CA GLU C 245 -33.10 0.15 11.47
C GLU C 245 -31.90 -0.50 12.15
N GLY C 246 -30.68 -0.15 11.75
CA GLY C 246 -29.53 -0.68 12.45
C GLY C 246 -29.57 -0.33 13.92
N LEU C 247 -29.95 0.92 14.23
CA LEU C 247 -30.03 1.37 15.62
C LEU C 247 -31.17 0.69 16.36
N ARG C 248 -32.33 0.59 15.72
CA ARG C 248 -33.48 -0.06 16.35
C ARG C 248 -33.19 -1.53 16.61
N ALA C 249 -32.59 -2.22 15.65
CA ALA C 249 -32.30 -3.63 15.83
C ALA C 249 -31.32 -3.83 16.96
N PHE C 250 -30.32 -2.96 17.07
CA PHE C 250 -29.40 -3.06 18.19
C PHE C 250 -30.15 -2.88 19.51
N ALA C 251 -30.99 -1.85 19.59
CA ALA C 251 -31.72 -1.58 20.84
C ALA C 251 -32.64 -2.73 21.20
N GLU C 252 -33.26 -3.35 20.21
CA GLU C 252 -34.22 -4.42 20.43
C GLU C 252 -33.55 -5.81 20.46
N LYS C 253 -32.23 -5.85 20.38
CA LYS C 253 -31.47 -7.11 20.41
C LYS C 253 -32.04 -8.12 19.43
N ARG C 254 -32.14 -7.70 18.16
CA ARG C 254 -32.63 -8.55 17.09
C ARG C 254 -31.80 -8.28 15.84
N ALA C 255 -31.97 -9.14 14.84
CA ALA C 255 -31.30 -8.93 13.58
C ALA C 255 -31.97 -7.78 12.82
N PRO C 256 -31.23 -6.95 12.11
CA PRO C 256 -31.86 -5.92 11.28
C PRO C 256 -32.39 -6.52 10.00
N VAL C 257 -33.40 -5.85 9.45
CA VAL C 257 -33.96 -6.18 8.15
C VAL C 257 -33.78 -4.94 7.30
N TYR C 258 -32.84 -4.99 6.36
CA TYR C 258 -32.54 -3.84 5.53
C TYR C 258 -33.37 -3.87 4.27
N LYS C 259 -33.62 -2.68 3.74
CA LYS C 259 -34.51 -2.49 2.62
C LYS C 259 -33.88 -1.75 1.46
N GLY C 260 -32.65 -1.26 1.60
CA GLY C 260 -32.06 -0.48 0.54
C GLY C 260 -32.71 0.88 0.40
N ARG C 261 -33.12 1.48 1.51
CA ARG C 261 -33.63 2.84 1.51
C ARG C 261 -33.39 3.44 2.88
N1A COA D . -22.71 1.02 22.24
C2A COA D . -23.45 1.02 23.36
N3A COA D . -23.57 -0.11 24.11
C4A COA D . -22.91 -1.22 23.73
C5A COA D . -22.14 -1.22 22.61
C6A COA D . -22.04 -0.09 21.87
N6A COA D . -21.29 0.11 20.69
N7A COA D . -21.62 -2.45 22.44
C8A COA D . -22.05 -3.20 23.47
N9A COA D . -22.86 -2.46 24.25
C1B COA D . -23.55 -2.78 25.39
C2B COA D . -24.70 -3.76 25.17
O2B COA D . -25.89 -3.03 24.69
C3B COA D . -24.89 -4.28 26.38
O3B COA D . -25.63 -3.38 27.25
P3B COA D . -26.72 -3.94 28.36
O7A COA D . -25.96 -4.80 29.36
O8A COA D . -27.23 -2.76 29.09
O9A COA D . -27.77 -4.74 27.70
C4B COA D . -23.40 -4.44 26.98
O4B COA D . -22.64 -3.61 26.33
C5B COA D . -22.90 -5.86 26.75
O5B COA D . -23.12 -6.18 25.37
P1A COA D . -22.91 -7.77 24.90
O1A COA D . -23.01 -7.86 23.39
O2A COA D . -23.90 -8.69 25.62
O3A COA D . -21.34 -8.07 25.38
P2A COA D . -20.40 -9.35 24.88
O4A COA D . -19.27 -9.46 25.88
O5A COA D . -21.21 -10.61 24.75
O6A COA D . -19.79 -8.99 23.41
CBP COA D . -18.95 -7.28 21.94
CCP COA D . -18.88 -7.92 23.35
CDP COA D . -18.34 -8.27 20.93
CEP COA D . -18.14 -5.94 21.96
CAP COA D . -20.43 -7.01 21.58
OAP COA D . -21.00 -6.13 22.51
C9P COA D . -20.50 -6.38 20.19
O9P COA D . -20.36 -7.02 19.21
N8P COA D . -20.73 -4.92 20.09
C7P COA D . -20.79 -4.32 18.75
C6P COA D . -21.84 -3.21 18.77
C5P COA D . -21.68 -2.38 17.49
O5P COA D . -22.33 -2.70 16.54
N4P COA D . -20.74 -1.24 17.46
C3P COA D . -20.58 -0.39 16.29
C2P COA D . -19.68 -0.99 15.21
S1P COA D . -20.02 -0.15 13.63
H2A COA D . -23.91 1.78 23.61
H61A COA D . -20.43 0.00 20.71
H62A COA D . -21.67 0.35 19.96
H8A COA D . -21.84 -4.11 23.60
H1B COA D . -23.86 -1.98 25.85
H2B COA D . -24.45 -4.45 24.54
HO2A COA D . -26.38 -3.55 24.24
H3B COA D . -25.33 -5.14 26.31
H4B COA D . -23.39 -4.22 27.93
H51A COA D . -21.95 -5.92 26.95
H52A COA D . -23.40 -6.48 27.31
H121 COA D . -17.98 -8.28 23.48
H122 COA D . -19.07 -7.27 24.04
H131 COA D . -18.95 -9.00 20.75
H132 COA D . -17.51 -8.63 21.29
H133 COA D . -18.14 -7.80 20.09
H141 COA D . -18.20 -5.52 21.09
H142 COA D . -18.51 -5.34 22.63
H143 COA D . -17.21 -6.13 22.15
H10 COA D . -20.92 -7.84 21.59
HO1 COA D . -20.43 -5.94 23.10
HN8 COA D . -20.83 -4.45 20.80
H71 COA D . -19.93 -3.94 18.51
H72 COA D . -21.05 -4.99 18.10
H61 COA D . -22.72 -3.61 18.78
H62 COA D . -21.72 -2.65 19.54
HN4 COA D . -20.30 -1.05 18.18
H31 COA D . -20.19 0.46 16.57
H32 COA D . -21.45 -0.21 15.90
H21 COA D . -18.75 -0.89 15.45
H22 COA D . -19.88 -1.95 15.12
HS1 COA D . -19.16 -0.41 12.84
C1 MLI E . -19.37 6.26 12.27
C2 MLI E . -20.43 6.45 13.34
C3 MLI E . -18.43 5.08 12.53
O6 MLI E . -20.13 6.59 14.55
O7 MLI E . -21.62 6.52 12.95
O8 MLI E . -17.25 5.19 12.09
O9 MLI E . -18.82 4.04 13.15
H11 MLI E . -18.85 7.07 12.20
H12 MLI E . -19.82 6.11 11.42
N1A COA F . 30.18 5.88 8.81
C2A COA F . 31.51 5.86 9.03
N3A COA F . 32.16 4.78 9.52
C4A COA F . 31.40 3.70 9.79
C5A COA F . 30.06 3.67 9.56
C6A COA F . 29.46 4.79 9.06
N6A COA F . 28.10 4.92 8.77
N7A COA F . 29.59 2.45 9.93
C8A COA F . 30.63 1.74 10.37
N9A COA F . 31.76 2.49 10.29
C1B COA F . 33.08 2.19 10.64
C2B COA F . 33.35 1.94 12.11
O2B COA F . 33.49 3.23 12.78
C3B COA F . 34.47 1.16 12.14
O3B COA F . 35.70 1.84 11.79
P3B COA F . 36.86 2.19 12.88
O7A COA F . 37.16 0.97 13.67
O8A COA F . 37.96 2.73 12.05
O9A COA F . 36.23 3.23 13.75
C4B COA F . 34.26 0.17 10.90
O4B COA F . 33.38 0.77 10.10
C5B COA F . 33.74 -1.19 11.38
O5B COA F . 32.55 -0.90 12.13
P1A COA F . 31.90 -2.00 13.16
O1A COA F . 30.64 -1.40 13.74
O2A COA F . 32.93 -2.46 14.17
O3A COA F . 31.57 -3.18 12.07
P2A COA F . 30.58 -4.47 12.31
O4A COA F . 30.97 -5.38 11.19
O5A COA F . 30.70 -5.03 13.71
O6A COA F . 29.08 -3.90 12.08
CBP COA F . 27.57 -2.51 10.84
CCP COA F . 28.78 -3.49 10.77
CDP COA F . 27.36 -1.90 9.44
CEP COA F . 26.29 -3.33 11.26
CAP COA F . 27.90 -1.44 11.90
OAP COA F . 29.09 -0.78 11.54
C9P COA F . 26.78 -0.40 11.98
O9P COA F . 25.73 -0.60 12.52
N8P COA F . 27.07 0.88 11.30
C7P COA F . 26.03 1.93 11.29
C6P COA F . 26.53 3.25 11.83
C5P COA F . 25.34 4.19 11.67
O5P COA F . 24.84 4.66 12.65
N4P COA F . 24.77 4.50 10.34
C3P COA F . 23.65 5.41 10.36
C2P COA F . 22.44 5.00 9.52
S1P COA F . 21.17 6.23 9.97
H2A COA F . 32.00 6.63 8.84
H61A COA F . 27.70 4.35 8.27
H62A COA F . 27.65 5.59 9.10
H8A COA F . 30.60 0.87 10.68
H1B COA F . 33.69 2.83 10.27
H2B COA F . 32.61 1.44 12.51
HO2A COA F . 33.22 3.17 13.59
H3B COA F . 34.55 0.68 12.98
H4B COA F . 35.10 0.05 10.43
H51A COA F . 33.52 -1.76 10.63
H52A COA F . 34.39 -1.62 11.96
H121 COA F . 28.52 -4.26 10.25
H122 COA F . 29.54 -3.05 10.37
H131 COA F . 26.95 -2.57 8.87
H132 COA F . 26.78 -1.13 9.50
H133 COA F . 28.22 -1.63 9.07
H141 COA F . 26.15 -4.03 10.61
H142 COA F . 26.43 -3.72 12.13
H143 COA F . 25.52 -2.74 11.28
H10 COA F . 28.01 -1.86 12.76
HO1 COA F . 29.26 -0.92 10.71
HN8 COA F . 27.81 0.99 10.90
H71 COA F . 25.72 2.07 10.38
H72 COA F . 25.29 1.64 11.83
H61 COA F . 26.74 3.15 12.79
H62 COA F . 27.29 3.58 11.34
HN4 COA F . 25.09 4.17 9.62
H31 COA F . 23.35 5.51 11.28
H32 COA F . 23.95 6.27 10.05
H21 COA F . 22.15 4.11 9.76
H22 COA F . 22.65 5.05 8.58
HS1 COA F . 20.08 5.78 9.73
C1 MLI G . 20.08 11.54 6.58
C1 MLI G . 20.17 11.66 6.05
C2 MLI G . 19.93 10.45 5.54
C2 MLI G . 19.71 10.22 6.21
C3 MLI G . 21.51 12.07 6.62
C3 MLI G . 21.52 11.92 6.69
O6 MLI G . 20.88 10.01 4.85
O6 MLI G . 18.81 9.84 5.44
O7 MLI G . 18.79 9.99 5.37
O7 MLI G . 20.18 9.40 7.04
O8 MLI G . 21.78 12.90 7.52
O8 MLI G . 21.59 12.79 7.59
O9 MLI G . 22.38 11.70 5.79
O9 MLI G . 22.54 11.29 6.31
H11 MLI G . 19.49 12.28 6.36
H11 MLI G . 20.23 11.86 5.10
H12 MLI G . 19.85 11.19 7.45
H12 MLI G . 19.51 12.24 6.46
C1 MLI H . 30.45 20.49 -0.23
C2 MLI H . 30.67 20.55 1.28
C3 MLI H . 31.22 19.28 -0.73
O6 MLI H . 31.34 21.50 1.78
O7 MLI H . 30.19 19.62 1.97
O8 MLI H . 32.33 18.97 -0.21
O9 MLI H . 30.75 18.58 -1.67
H11 MLI H . 29.51 20.38 -0.42
H12 MLI H . 30.79 21.29 -0.65
C1 MLI I . 50.58 9.88 3.79
C2 MLI I . 50.28 8.45 3.39
C3 MLI I . 49.55 10.86 3.29
O6 MLI I . 51.22 7.62 3.42
O7 MLI I . 49.12 8.11 3.02
O8 MLI I . 48.81 11.42 4.13
O9 MLI I . 49.47 11.12 2.06
H11 MLI I . 51.45 10.13 3.43
H12 MLI I . 50.62 9.93 4.76
#